data_6ECG
#
_entry.id   6ECG
#
_cell.length_a   59.610
_cell.length_b   132.850
_cell.length_c   144.270
_cell.angle_alpha   90.00
_cell.angle_beta   90.00
_cell.angle_gamma   90.00
#
_symmetry.space_group_name_H-M   'P 2 21 21'
#
loop_
_entity.id
_entity.type
_entity.pdbx_description
1 polymer 'Tyrosine phenol-lyase'
2 polymer 'Tyrosine phenol-lyase'
3 non-polymer 'POTASSIUM ION'
4 non-polymer '(2E)-2-{[(Z)-{3-HYDROXY-2-METHYL-5-[(PHOSPHONOOXY)METHYL]PYRIDIN-4(1H)-YLIDENE}METHYL]IMINO}-4-(METHYLSULFANYL)BUTANOIC ACID'
5 non-polymer 'TRIETHYLENE GLYCOL'
6 non-polymer 3,6,9,12,15,18-HEXAOXAICOSANE-1,20-DIOL
7 water water
#
loop_
_entity_poly.entity_id
_entity_poly.type
_entity_poly.pdbx_seq_one_letter_code
_entity_poly.pdbx_strand_id
1 'polypeptide(L)'
;NYPAEPFRIKSVETVSMIPRDERLKKMQEAGYNTFLLNSKDIYIDLLTDSGTNAMSDKQWAGMMMGDEAYAGSENFYHLE
RTVQELFGFKHIVPTHQGRGAENLLSQLAIKPGQYVAGNMYFTTTRYHQEKNGAVFVDIVRDEAHDAGLNIAFKGDIDLK
KLQKLIDEKGAENIAYICLAVTVNLAGGQPVSMANMRAVRELTAAHGIKVFYDATRCVENAYFIKEQEQGFENKSIAEIV
HEMFSYADGCTMSGKKDCLVNIGGFLCMNDDEMFSSAKELVVVYEGMPSYGGLAGRDMEAMAIGLREAMQYEYIEHRVKQ
VRYLGDKLKAAGVPIVEPVGGHAVFLDARRFCEHLTQDEFPAQSLAASIYVETGVRSMERGIISAGRNNVTGEHHRPKLE
TVRLTIPRRVYTYAHMDVVADGIIKLYQHKEDIRGLKFIYEPKQLRAFTARFDYI
;
A
2 'polypeptide(L)'
;NYPAEPFRIKSVETVSMIPRDERLKKMQEAGYNTFLLNSKDIYIDLLTDSGTNAMSDKQWAGMMMGDEAYAGSENFYHLE
RTVQELFGFKHIVPTHQGRGAENLLSQLAIKPGQYVAGNMYFTTTRYHQEKNGAVFVDIVRDEAHDAGLNIAFKGDIDLK
KLQKLIDEKGAENIAYICLAVTVNLAGGQPVSMANMRAVRELTAAHGIKVFYDATRCVENAYFIKEQEQGFENKSIAEIV
HEMFSYADGCTMSGK(LLP)DCLVNIGGFLCMNDDEMFSSAKELVVVYEGMPSYGGLAGRDMEAMAIGLREAMQYEYIEH
RVKQVRYLGDKLKAAGVPIVEPVGGHAVFLDARRFCEHLTQDEFPAQSLAASIYVETGVRSMERGIISAGRNNVTGEHHR
PKLETVRLTIPRRVYTYAHMDVVADGIIKLYQHKEDIRGLKFIYEPKQLRAFTARFDYI
;
B
#
loop_
_chem_comp.id
_chem_comp.type
_chem_comp.name
_chem_comp.formula
K non-polymer 'POTASSIUM ION' 'K 1'
P33 non-polymer 3,6,9,12,15,18-HEXAOXAICOSANE-1,20-DIOL 'C14 H30 O8'
PGE non-polymer 'TRIETHYLENE GLYCOL' 'C6 H14 O4'
PM9 non-polymer '(2E)-2-{[(Z)-{3-HYDROXY-2-METHYL-5-[(PHOSPHONOOXY)METHYL]PYRIDIN-4(1H)-YLIDENE}METHYL]IMINO}-4-(METHYLSULFANYL)BUTANOIC ACID' 'C13 H19 N2 O7 P S'
#
# COMPACT_ATOMS: atom_id res chain seq x y z
N ASN A 1 -5.81 -30.98 -20.69
CA ASN A 1 -6.51 -30.01 -21.52
C ASN A 1 -7.13 -28.91 -20.66
N TYR A 2 -8.12 -29.29 -19.85
CA TYR A 2 -8.70 -28.39 -18.84
C TYR A 2 -8.74 -29.15 -17.52
N PRO A 3 -7.65 -29.13 -16.76
CA PRO A 3 -7.61 -29.91 -15.52
C PRO A 3 -8.50 -29.31 -14.44
N ALA A 4 -8.96 -30.19 -13.55
CA ALA A 4 -9.73 -29.74 -12.41
C ALA A 4 -8.84 -28.94 -11.45
N GLU A 5 -9.49 -28.17 -10.57
CA GLU A 5 -8.77 -27.43 -9.55
C GLU A 5 -7.90 -28.37 -8.73
N PRO A 6 -6.57 -28.16 -8.68
CA PRO A 6 -5.67 -28.99 -7.88
C PRO A 6 -5.68 -28.61 -6.41
N PHE A 7 -6.88 -28.43 -5.87
CA PHE A 7 -7.10 -28.06 -4.48
C PHE A 7 -8.58 -28.24 -4.20
N ARG A 8 -8.92 -28.25 -2.92
CA ARG A 8 -10.31 -28.23 -2.49
C ARG A 8 -10.66 -26.84 -1.98
N ILE A 9 -11.97 -26.58 -1.90
CA ILE A 9 -12.45 -25.34 -1.32
C ILE A 9 -12.44 -25.49 0.20
N LYS A 10 -11.66 -24.64 0.88
CA LYS A 10 -11.65 -24.67 2.34
C LYS A 10 -12.71 -23.75 2.93
N SER A 11 -12.85 -22.54 2.40
CA SER A 11 -13.90 -21.64 2.82
C SER A 11 -14.44 -20.91 1.60
N VAL A 12 -15.71 -20.51 1.67
N VAL A 12 -15.71 -20.51 1.68
CA VAL A 12 -16.39 -19.84 0.58
CA VAL A 12 -16.39 -19.83 0.58
C VAL A 12 -16.64 -18.39 0.96
C VAL A 12 -16.66 -18.38 0.97
N GLU A 13 -16.82 -17.55 -0.06
N GLU A 13 -17.06 -17.60 -0.03
CA GLU A 13 -17.09 -16.14 0.11
CA GLU A 13 -17.37 -16.19 0.16
C GLU A 13 -18.54 -15.87 -0.27
C GLU A 13 -18.77 -15.90 -0.36
N THR A 14 -19.26 -15.18 0.61
N THR A 14 -19.52 -15.12 0.42
CA THR A 14 -20.66 -14.90 0.38
CA THR A 14 -20.92 -14.83 0.07
C THR A 14 -20.82 -13.88 -0.74
C THR A 14 -20.99 -13.87 -1.10
N VAL A 15 -21.62 -14.22 -1.75
N VAL A 15 -21.84 -14.19 -2.08
CA VAL A 15 -21.90 -13.33 -2.86
CA VAL A 15 -22.07 -13.36 -3.25
C VAL A 15 -23.40 -13.02 -2.88
C VAL A 15 -23.58 -13.17 -3.43
N SER A 16 -23.75 -11.97 -3.61
N SER A 16 -23.93 -12.39 -4.44
CA SER A 16 -25.13 -11.54 -3.77
CA SER A 16 -25.34 -12.10 -4.75
C SER A 16 -25.64 -11.96 -5.14
C SER A 16 -25.40 -11.46 -6.14
N MET A 17 -26.76 -12.68 -5.15
N MET A 17 -26.61 -11.41 -6.68
CA MET A 17 -27.34 -13.19 -6.41
CA MET A 17 -26.89 -10.77 -7.96
C MET A 17 -28.53 -12.33 -6.82
C MET A 17 -28.03 -9.79 -7.78
N ILE A 18 -28.26 -11.06 -7.09
N ILE A 18 -27.85 -8.56 -8.27
CA ILE A 18 -29.31 -10.11 -7.46
CA ILE A 18 -28.88 -7.53 -8.18
C ILE A 18 -29.71 -10.36 -8.92
C ILE A 18 -29.55 -7.38 -9.55
N PRO A 19 -31.00 -10.28 -9.25
N PRO A 19 -30.80 -6.94 -9.61
CA PRO A 19 -31.43 -10.57 -10.63
CA PRO A 19 -31.50 -6.86 -10.91
C PRO A 19 -31.04 -9.48 -11.61
C PRO A 19 -30.82 -5.86 -11.85
N ARG A 20 -31.38 -9.68 -12.90
N ARG A 20 -31.22 -5.94 -13.12
CA ARG A 20 -30.95 -8.76 -13.94
CA ARG A 20 -30.66 -5.06 -14.14
C ARG A 20 -31.57 -7.37 -13.74
C ARG A 20 -31.02 -3.61 -13.90
N ASP A 21 -32.84 -7.33 -13.33
N ASP A 21 -32.23 -3.36 -13.39
CA ASP A 21 -33.52 -6.04 -13.17
CA ASP A 21 -32.63 -1.98 -13.08
C ASP A 21 -32.83 -5.18 -12.11
C ASP A 21 -31.75 -1.37 -12.00
N GLU A 22 -32.35 -5.80 -11.03
N GLU A 22 -31.26 -2.19 -11.06
CA GLU A 22 -31.66 -5.04 -10.00
CA GLU A 22 -30.31 -1.71 -10.08
C GLU A 22 -30.22 -4.73 -10.38
C GLU A 22 -28.92 -1.57 -10.69
N ARG A 23 -29.57 -5.63 -11.13
N ARG A 23 -28.53 -2.52 -11.55
CA ARG A 23 -28.23 -5.34 -11.64
CA ARG A 23 -27.21 -2.45 -12.19
C ARG A 23 -28.24 -4.12 -12.55
C ARG A 23 -27.11 -1.23 -13.10
N LEU A 24 -29.25 -4.01 -13.42
N LEU A 24 -28.18 -0.91 -13.83
CA LEU A 24 -29.40 -2.83 -14.26
CA LEU A 24 -28.15 0.24 -14.71
C LEU A 24 -29.51 -1.57 -13.42
C LEU A 24 -28.03 1.55 -13.94
N LYS A 25 -30.26 -1.64 -12.31
N LYS A 25 -28.58 1.61 -12.73
CA LYS A 25 -30.39 -0.48 -11.45
CA LYS A 25 -28.47 2.83 -11.93
C LYS A 25 -29.09 -0.17 -10.72
C LYS A 25 -27.09 2.96 -11.32
N LYS A 26 -28.30 -1.19 -10.39
N LYS A 26 -26.48 1.83 -10.93
CA LYS A 26 -27.01 -0.95 -9.77
CA LYS A 26 -25.11 1.87 -10.40
C LYS A 26 -26.04 -0.29 -10.75
C LYS A 26 -24.13 2.37 -11.45
N MET A 27 -26.11 -0.67 -12.02
N MET A 27 -24.33 1.95 -12.71
CA MET A 27 -25.25 -0.06 -13.02
CA MET A 27 -23.43 2.38 -13.78
C MET A 27 -25.66 1.39 -13.30
C MET A 27 -23.55 3.88 -14.03
N GLN A 28 -26.97 1.67 -13.27
N GLN A 28 -24.78 4.41 -13.95
CA GLN A 28 -27.43 3.05 -13.45
CA GLN A 28 -24.97 5.85 -14.11
C GLN A 28 -27.00 3.93 -12.29
C GLN A 28 -24.43 6.61 -12.90
N GLU A 29 -27.13 3.42 -11.06
N GLU A 29 -24.54 6.03 -11.70
CA GLU A 29 -26.66 4.17 -9.90
CA GLU A 29 -23.93 6.64 -10.53
C GLU A 29 -25.15 4.40 -9.90
C GLU A 29 -22.41 6.65 -10.63
N ALA A 30 -24.42 3.69 -10.76
N ALA A 30 -21.82 5.65 -11.28
CA ALA A 30 -22.98 3.84 -10.88
CA ALA A 30 -20.38 5.51 -11.43
C ALA A 30 -22.56 4.59 -12.15
C ALA A 30 -19.83 6.26 -12.63
N GLY A 31 -23.52 5.13 -12.90
N GLY A 31 -20.66 7.07 -13.31
CA GLY A 31 -23.20 5.88 -14.10
CA GLY A 31 -20.21 7.72 -14.51
C GLY A 31 -22.57 5.05 -15.21
C GLY A 31 -19.79 6.77 -15.61
N TYR A 32 -22.87 3.74 -15.25
N TYR A 32 -20.46 5.62 -15.70
CA TYR A 32 -22.36 2.85 -16.28
CA TYR A 32 -20.15 4.58 -16.69
C TYR A 32 -20.84 2.80 -16.31
C TYR A 32 -18.70 4.11 -16.57
N ASN A 33 -20.23 2.77 -15.12
N ASN A 33 -18.16 4.13 -15.36
CA ASN A 33 -18.79 2.64 -14.98
CA ASN A 33 -16.81 3.68 -15.08
C ASN A 33 -18.49 1.48 -14.05
C ASN A 33 -16.87 2.51 -14.12
N THR A 34 -17.57 0.59 -14.46
N THR A 34 -16.40 1.34 -14.56
CA THR A 34 -17.23 -0.56 -13.64
CA THR A 34 -16.48 0.14 -13.73
C THR A 34 -16.34 -0.17 -12.46
C THR A 34 -15.66 0.26 -12.44
N PHE A 35 -15.42 0.76 -12.67
N PHE A 35 -14.72 1.20 -12.39
CA PHE A 35 -14.52 1.17 -11.59
CA PHE A 35 -13.91 1.38 -11.19
C PHE A 35 -15.26 1.78 -10.40
C PHE A 35 -14.69 1.96 -10.02
N LEU A 36 -16.47 2.31 -10.63
N LEU A 36 -15.91 2.45 -10.23
CA LEU A 36 -17.25 2.91 -9.56
CA LEU A 36 -16.69 3.07 -9.18
C LEU A 36 -18.32 1.97 -9.01
C LEU A 36 -17.90 2.24 -8.78
N LEU A 37 -18.26 0.69 -9.37
N LEU A 37 -17.97 0.97 -9.20
CA LEU A 37 -19.20 -0.29 -8.83
CA LEU A 37 -19.02 0.09 -8.74
C LEU A 37 -18.83 -0.64 -7.39
C LEU A 37 -18.66 -0.49 -7.37
N ASN A 38 -19.84 -1.07 -6.64
N ASN A 38 -19.69 -0.93 -6.65
CA ASN A 38 -19.64 -1.56 -5.29
CA ASN A 38 -19.51 -1.48 -5.32
C ASN A 38 -19.40 -3.06 -5.31
C ASN A 38 -19.30 -2.98 -5.38
N SER A 39 -18.43 -3.51 -4.51
N SER A 39 -18.43 -3.49 -4.52
CA SER A 39 -18.10 -4.93 -4.48
CA SER A 39 -18.13 -4.91 -4.51
C SER A 39 -19.30 -5.77 -4.04
C SER A 39 -19.34 -5.74 -4.09
N LYS A 40 -20.14 -5.24 -3.14
CA LYS A 40 -21.28 -5.98 -2.64
C LYS A 40 -22.33 -6.24 -3.72
N ASP A 41 -22.31 -5.49 -4.82
CA ASP A 41 -23.30 -5.65 -5.88
C ASP A 41 -22.86 -6.59 -6.98
N ILE A 42 -21.59 -7.01 -7.01
CA ILE A 42 -21.01 -7.72 -8.13
C ILE A 42 -20.99 -9.22 -7.85
N TYR A 43 -21.47 -10.01 -8.81
CA TYR A 43 -21.43 -11.47 -8.70
C TYR A 43 -20.02 -11.99 -8.94
N ILE A 44 -19.46 -11.71 -10.12
CA ILE A 44 -18.13 -12.16 -10.49
C ILE A 44 -17.30 -10.91 -10.80
N ASP A 45 -16.31 -10.64 -9.96
CA ASP A 45 -15.54 -9.40 -10.06
C ASP A 45 -14.22 -9.71 -10.78
N LEU A 46 -14.25 -9.56 -12.10
CA LEU A 46 -13.07 -9.77 -12.94
C LEU A 46 -12.35 -8.45 -13.26
N LEU A 47 -12.41 -7.49 -12.34
CA LEU A 47 -11.75 -6.20 -12.58
C LEU A 47 -10.24 -6.39 -12.70
N THR A 48 -9.64 -7.11 -11.76
CA THR A 48 -8.20 -7.30 -11.77
C THR A 48 -7.86 -8.59 -11.02
N ASP A 49 -6.73 -9.18 -11.38
CA ASP A 49 -6.14 -10.28 -10.64
C ASP A 49 -5.21 -9.78 -9.54
N SER A 50 -5.21 -8.48 -9.26
CA SER A 50 -4.29 -7.86 -8.32
C SER A 50 -4.89 -7.89 -6.92
N GLY A 51 -4.25 -8.62 -6.01
CA GLY A 51 -4.66 -8.64 -4.62
C GLY A 51 -6.01 -9.27 -4.36
N THR A 52 -6.62 -9.90 -5.37
CA THR A 52 -7.94 -10.52 -5.23
C THR A 52 -7.86 -12.03 -5.08
N ASN A 53 -6.67 -12.58 -4.84
CA ASN A 53 -6.47 -14.02 -4.84
C ASN A 53 -6.99 -14.66 -3.56
N ALA A 54 -7.31 -15.94 -3.66
CA ALA A 54 -7.72 -16.73 -2.51
C ALA A 54 -6.50 -17.42 -1.92
N MET A 55 -6.25 -17.18 -0.64
CA MET A 55 -5.10 -17.80 0.01
C MET A 55 -5.40 -19.25 0.37
N SER A 56 -4.37 -19.97 0.79
CA SER A 56 -4.49 -21.36 1.19
C SER A 56 -4.58 -21.48 2.71
N ASP A 57 -4.92 -22.69 3.15
CA ASP A 57 -4.97 -22.96 4.58
C ASP A 57 -3.59 -22.79 5.21
N LYS A 58 -2.53 -23.12 4.48
CA LYS A 58 -1.18 -22.96 5.02
C LYS A 58 -0.81 -21.48 5.13
N GLN A 59 -1.26 -20.67 4.17
CA GLN A 59 -1.06 -19.22 4.29
C GLN A 59 -1.84 -18.66 5.46
N TRP A 60 -3.10 -19.07 5.63
CA TRP A 60 -3.90 -18.59 6.74
C TRP A 60 -3.35 -19.06 8.08
N ALA A 61 -2.70 -20.23 8.10
CA ALA A 61 -1.99 -20.64 9.30
C ALA A 61 -0.85 -19.68 9.60
N GLY A 62 -0.13 -19.23 8.56
CA GLY A 62 0.88 -18.21 8.75
C GLY A 62 0.30 -16.87 9.18
N MET A 63 -0.93 -16.57 8.75
CA MET A 63 -1.58 -15.35 9.19
C MET A 63 -1.81 -15.34 10.69
N MET A 64 -1.93 -16.53 11.30
CA MET A 64 -2.06 -16.64 12.75
C MET A 64 -0.71 -16.55 13.46
N MET A 65 0.39 -16.65 12.74
N MET A 65 0.40 -16.64 12.73
CA MET A 65 1.72 -16.58 13.32
CA MET A 65 1.74 -16.60 13.28
C MET A 65 2.47 -15.33 12.86
C MET A 65 2.47 -15.33 12.87
N GLY A 66 1.74 -14.21 12.79
CA GLY A 66 2.36 -12.95 12.46
C GLY A 66 3.28 -12.50 13.59
N ASP A 67 4.55 -12.33 13.28
CA ASP A 67 5.53 -11.76 14.21
C ASP A 67 5.60 -10.26 13.86
N GLU A 68 4.87 -9.46 14.62
CA GLU A 68 4.62 -8.06 14.27
C GLU A 68 5.71 -7.13 14.76
N ALA A 69 6.88 -7.67 15.12
CA ALA A 69 7.98 -6.87 15.65
C ALA A 69 8.52 -5.91 14.59
N TYR A 70 8.95 -4.73 15.05
CA TYR A 70 9.40 -3.69 14.13
C TYR A 70 10.68 -4.09 13.42
N ALA A 71 11.52 -4.89 14.07
CA ALA A 71 12.77 -5.36 13.48
C ALA A 71 13.01 -6.80 13.91
N GLY A 72 13.68 -7.56 13.06
CA GLY A 72 14.02 -8.93 13.39
C GLY A 72 12.85 -9.89 13.39
N SER A 73 11.78 -9.59 12.67
CA SER A 73 10.64 -10.49 12.62
C SER A 73 11.00 -11.79 11.90
N GLU A 74 10.54 -12.91 12.47
CA GLU A 74 10.71 -14.19 11.81
C GLU A 74 10.04 -14.21 10.43
N ASN A 75 8.95 -13.46 10.26
CA ASN A 75 8.27 -13.42 8.97
C ASN A 75 9.16 -12.79 7.91
N PHE A 76 9.89 -11.73 8.25
CA PHE A 76 10.83 -11.14 7.30
C PHE A 76 11.94 -12.12 6.95
N TYR A 77 12.46 -12.83 7.95
CA TYR A 77 13.52 -13.81 7.68
C TYR A 77 13.01 -14.91 6.76
N HIS A 78 11.75 -15.33 6.93
N HIS A 78 11.75 -15.32 6.94
CA HIS A 78 11.18 -16.35 6.06
CA HIS A 78 11.17 -16.34 6.06
C HIS A 78 11.04 -15.83 4.64
C HIS A 78 11.04 -15.83 4.64
N LEU A 79 10.52 -14.61 4.48
CA LEU A 79 10.34 -14.04 3.15
C LEU A 79 11.68 -13.81 2.46
N GLU A 80 12.64 -13.21 3.19
CA GLU A 80 13.95 -12.94 2.62
C GLU A 80 14.64 -14.23 2.16
N ARG A 81 14.61 -15.25 3.01
CA ARG A 81 15.19 -16.54 2.65
C ARG A 81 14.48 -17.16 1.45
N THR A 82 13.14 -17.06 1.41
CA THR A 82 12.38 -17.66 0.33
C THR A 82 12.70 -17.00 -1.01
N VAL A 83 12.72 -15.66 -1.03
CA VAL A 83 13.00 -14.95 -2.28
C VAL A 83 14.43 -15.21 -2.73
N GLN A 84 15.38 -15.23 -1.79
CA GLN A 84 16.76 -15.55 -2.13
C GLN A 84 16.86 -16.96 -2.73
N GLU A 85 16.14 -17.92 -2.16
CA GLU A 85 16.21 -19.29 -2.65
C GLU A 85 15.56 -19.43 -4.03
N LEU A 86 14.41 -18.78 -4.23
CA LEU A 86 13.63 -19.02 -5.44
C LEU A 86 13.99 -18.07 -6.58
N PHE A 87 14.34 -16.82 -6.29
CA PHE A 87 14.72 -15.88 -7.34
C PHE A 87 16.23 -15.77 -7.52
N GLY A 88 17.01 -16.11 -6.50
CA GLY A 88 18.46 -16.09 -6.60
C GLY A 88 19.10 -14.73 -6.43
N PHE A 89 18.33 -13.70 -6.10
CA PHE A 89 18.90 -12.38 -5.88
C PHE A 89 19.57 -12.31 -4.51
N LYS A 90 20.54 -11.39 -4.39
CA LYS A 90 21.33 -11.29 -3.18
C LYS A 90 20.57 -10.57 -2.07
N HIS A 91 19.85 -9.50 -2.40
CA HIS A 91 19.18 -8.67 -1.41
C HIS A 91 17.71 -8.48 -1.78
N ILE A 92 16.89 -8.24 -0.76
CA ILE A 92 15.46 -8.02 -0.95
C ILE A 92 14.98 -6.96 0.02
N VAL A 93 14.18 -6.03 -0.47
CA VAL A 93 13.56 -5.00 0.34
C VAL A 93 12.05 -5.15 0.21
N PRO A 94 11.33 -5.50 1.28
CA PRO A 94 9.87 -5.61 1.16
C PRO A 94 9.22 -4.26 0.97
N THR A 95 8.16 -4.24 0.17
CA THR A 95 7.35 -3.05 -0.03
C THR A 95 5.88 -3.44 0.08
N HIS A 96 5.02 -2.43 0.27
CA HIS A 96 3.61 -2.75 0.51
C HIS A 96 2.93 -3.28 -0.74
N GLN A 97 3.43 -2.94 -1.93
CA GLN A 97 3.04 -3.59 -3.18
C GLN A 97 4.00 -3.13 -4.27
N GLY A 98 3.68 -3.48 -5.53
CA GLY A 98 4.64 -3.34 -6.60
C GLY A 98 5.06 -1.91 -6.87
N ARG A 99 4.09 -0.99 -6.92
CA ARG A 99 4.43 0.40 -7.21
C ARG A 99 5.26 1.03 -6.09
N GLY A 100 5.25 0.44 -4.89
CA GLY A 100 6.19 0.88 -3.87
C GLY A 100 7.62 0.57 -4.25
N ALA A 101 7.86 -0.66 -4.73
CA ALA A 101 9.19 -1.02 -5.20
C ALA A 101 9.58 -0.22 -6.45
N GLU A 102 8.61 0.07 -7.31
CA GLU A 102 8.90 0.85 -8.51
C GLU A 102 9.34 2.26 -8.16
N ASN A 103 8.69 2.88 -7.17
CA ASN A 103 9.13 4.17 -6.68
C ASN A 103 10.58 4.12 -6.22
N LEU A 104 10.95 3.06 -5.50
CA LEU A 104 12.32 2.94 -5.01
C LEU A 104 13.31 2.77 -6.16
N LEU A 105 13.04 1.83 -7.07
CA LEU A 105 13.98 1.56 -8.15
C LEU A 105 14.17 2.76 -9.05
N SER A 106 13.09 3.48 -9.36
CA SER A 106 13.19 4.60 -10.30
C SER A 106 13.99 5.76 -9.71
N GLN A 107 14.00 5.91 -8.39
CA GLN A 107 14.80 6.94 -7.76
C GLN A 107 16.25 6.53 -7.58
N LEU A 108 16.54 5.23 -7.66
CA LEU A 108 17.89 4.72 -7.43
C LEU A 108 18.70 4.52 -8.70
N ALA A 109 18.05 4.24 -9.83
CA ALA A 109 18.75 3.79 -11.03
C ALA A 109 18.55 4.70 -12.24
N ILE A 110 17.87 5.83 -12.08
CA ILE A 110 17.54 6.71 -13.20
C ILE A 110 18.23 8.04 -13.01
N LYS A 111 19.07 8.42 -13.97
CA LYS A 111 19.56 9.80 -13.99
C LYS A 111 18.64 10.65 -14.86
N PRO A 112 18.39 11.90 -14.46
CA PRO A 112 17.50 12.77 -15.24
C PRO A 112 17.99 12.94 -16.67
N GLY A 113 17.13 12.56 -17.62
CA GLY A 113 17.45 12.62 -19.03
C GLY A 113 17.79 11.30 -19.66
N GLN A 114 18.03 10.25 -18.86
CA GLN A 114 18.36 8.95 -19.41
C GLN A 114 17.11 8.28 -19.99
N TYR A 115 17.33 7.17 -20.70
CA TYR A 115 16.26 6.41 -21.31
C TYR A 115 16.04 5.12 -20.53
N VAL A 116 14.77 4.72 -20.44
CA VAL A 116 14.39 3.42 -19.91
C VAL A 116 13.58 2.72 -20.99
N ALA A 117 14.09 1.60 -21.48
CA ALA A 117 13.44 0.85 -22.55
C ALA A 117 12.95 -0.49 -22.03
N GLY A 118 11.77 -0.91 -22.49
CA GLY A 118 11.20 -2.17 -22.06
C GLY A 118 10.20 -2.70 -23.06
N ASN A 119 9.71 -3.91 -22.77
CA ASN A 119 8.71 -4.55 -23.61
C ASN A 119 7.34 -4.02 -23.19
N MET A 120 6.89 -2.99 -23.92
CA MET A 120 5.73 -2.20 -23.55
C MET A 120 5.90 -1.60 -22.16
N TYR A 121 4.84 -1.04 -21.60
CA TYR A 121 4.91 -0.36 -20.32
C TYR A 121 3.72 -0.77 -19.45
N PHE A 122 3.74 -0.32 -18.21
CA PHE A 122 2.58 -0.37 -17.34
C PHE A 122 2.36 1.02 -16.75
N THR A 123 1.12 1.25 -16.30
CA THR A 123 0.71 2.57 -15.84
C THR A 123 1.59 3.08 -14.70
N THR A 124 1.67 2.34 -13.59
CA THR A 124 2.45 2.80 -12.45
C THR A 124 3.94 2.76 -12.73
N THR A 125 4.39 1.75 -13.48
CA THR A 125 5.83 1.62 -13.76
C THR A 125 6.32 2.78 -14.61
N ARG A 126 5.61 3.08 -15.71
CA ARG A 126 6.03 4.16 -16.58
C ARG A 126 5.97 5.51 -15.88
N TYR A 127 5.04 5.68 -14.95
CA TYR A 127 4.93 6.95 -14.25
C TYR A 127 6.18 7.23 -13.42
N HIS A 128 6.58 6.27 -12.58
CA HIS A 128 7.75 6.47 -11.73
C HIS A 128 9.03 6.65 -12.54
N GLN A 129 9.10 6.02 -13.71
CA GLN A 129 10.24 6.25 -14.59
C GLN A 129 10.24 7.67 -15.13
N GLU A 130 9.09 8.13 -15.64
CA GLU A 130 8.99 9.49 -16.14
C GLU A 130 8.98 10.51 -15.02
N LYS A 131 8.48 10.14 -13.85
CA LYS A 131 8.56 11.02 -12.69
C LYS A 131 10.00 11.34 -12.32
N ASN A 132 10.91 10.39 -12.52
CA ASN A 132 12.31 10.56 -12.18
C ASN A 132 13.16 11.05 -13.35
N GLY A 133 12.52 11.60 -14.38
CA GLY A 133 13.25 12.23 -15.47
C GLY A 133 13.71 11.31 -16.57
N ALA A 134 13.09 10.15 -16.74
CA ALA A 134 13.46 9.22 -17.80
C ALA A 134 12.45 9.28 -18.93
N VAL A 135 12.93 9.02 -20.14
CA VAL A 135 12.10 8.92 -21.32
C VAL A 135 11.91 7.45 -21.65
N PHE A 136 10.65 7.00 -21.69
CA PHE A 136 10.36 5.61 -21.96
C PHE A 136 10.45 5.32 -23.47
N VAL A 137 10.96 4.14 -23.80
CA VAL A 137 11.12 3.70 -25.18
C VAL A 137 10.62 2.26 -25.27
N ASP A 138 9.60 2.03 -26.10
CA ASP A 138 9.05 0.69 -26.25
C ASP A 138 9.92 -0.11 -27.21
N ILE A 139 10.51 -1.19 -26.72
CA ILE A 139 11.35 -2.05 -27.53
C ILE A 139 10.75 -3.46 -27.68
N VAL A 140 9.47 -3.63 -27.34
CA VAL A 140 8.80 -4.87 -27.69
C VAL A 140 8.66 -4.95 -29.21
N ARG A 141 8.53 -6.18 -29.71
CA ARG A 141 8.40 -6.36 -31.15
C ARG A 141 7.01 -5.95 -31.61
N ASP A 142 6.93 -5.50 -32.87
CA ASP A 142 5.69 -4.94 -33.40
C ASP A 142 4.52 -5.90 -33.28
N GLU A 143 4.78 -7.21 -33.35
CA GLU A 143 3.71 -8.18 -33.31
C GLU A 143 2.91 -8.10 -32.01
N ALA A 144 3.56 -7.67 -30.91
CA ALA A 144 2.89 -7.59 -29.63
C ALA A 144 1.74 -6.58 -29.64
N HIS A 145 1.76 -5.61 -30.56
CA HIS A 145 0.72 -4.60 -30.65
C HIS A 145 -0.44 -5.01 -31.54
N ASP A 146 -0.37 -6.18 -32.18
CA ASP A 146 -1.46 -6.68 -33.00
C ASP A 146 -2.27 -7.67 -32.18
N ALA A 147 -3.52 -7.31 -31.88
CA ALA A 147 -4.34 -8.10 -30.96
C ALA A 147 -4.58 -9.50 -31.49
N GLY A 148 -5.01 -9.62 -32.75
CA GLY A 148 -5.40 -10.90 -33.31
C GLY A 148 -4.27 -11.81 -33.74
N LEU A 149 -3.04 -11.30 -33.80
CA LEU A 149 -1.92 -12.11 -34.24
C LEU A 149 -1.58 -13.15 -33.17
N ASN A 150 -1.74 -14.43 -33.51
CA ASN A 150 -1.55 -15.52 -32.56
C ASN A 150 -0.18 -16.14 -32.79
N ILE A 151 0.85 -15.55 -32.16
CA ILE A 151 2.19 -16.10 -32.15
C ILE A 151 2.62 -16.28 -30.71
N ALA A 152 3.55 -17.21 -30.50
CA ALA A 152 4.01 -17.53 -29.15
C ALA A 152 5.04 -16.51 -28.68
N PHE A 153 5.02 -16.23 -27.38
CA PHE A 153 5.97 -15.33 -26.73
C PHE A 153 5.95 -13.94 -27.36
N LYS A 154 4.76 -13.34 -27.38
CA LYS A 154 4.61 -12.00 -27.94
C LYS A 154 5.32 -10.93 -27.12
N GLY A 155 5.62 -11.21 -25.86
CA GLY A 155 6.27 -10.25 -25.00
C GLY A 155 7.76 -10.07 -25.22
N ASP A 156 8.35 -10.81 -26.16
CA ASP A 156 9.80 -10.76 -26.35
C ASP A 156 10.25 -9.38 -26.80
N ILE A 157 11.40 -8.96 -26.29
CA ILE A 157 12.01 -7.69 -26.67
C ILE A 157 12.67 -7.85 -28.04
N ASP A 158 12.41 -6.90 -28.93
CA ASP A 158 13.07 -6.87 -30.24
C ASP A 158 14.54 -6.50 -30.04
N LEU A 159 15.44 -7.45 -30.29
CA LEU A 159 16.86 -7.18 -30.13
C LEU A 159 17.34 -6.08 -31.08
N LYS A 160 16.75 -6.01 -32.29
CA LYS A 160 17.14 -4.96 -33.22
C LYS A 160 16.78 -3.59 -32.68
N LYS A 161 15.58 -3.44 -32.12
CA LYS A 161 15.18 -2.16 -31.53
C LYS A 161 16.09 -1.81 -30.37
N LEU A 162 16.45 -2.80 -29.55
CA LEU A 162 17.39 -2.56 -28.46
C LEU A 162 18.76 -2.15 -28.98
N GLN A 163 19.25 -2.82 -30.02
CA GLN A 163 20.51 -2.44 -30.64
C GLN A 163 20.44 -1.05 -31.26
N LYS A 164 19.28 -0.69 -31.81
CA LYS A 164 19.13 0.64 -32.40
C LYS A 164 19.19 1.73 -31.32
N LEU A 165 18.58 1.48 -30.17
CA LEU A 165 18.61 2.46 -29.09
C LEU A 165 20.03 2.69 -28.60
N ILE A 166 20.82 1.62 -28.47
CA ILE A 166 22.19 1.74 -28.01
C ILE A 166 23.05 2.49 -29.03
N ASP A 167 22.77 2.30 -30.32
CA ASP A 167 23.57 2.95 -31.35
C ASP A 167 23.21 4.43 -31.50
N GLU A 168 21.93 4.78 -31.36
CA GLU A 168 21.51 6.16 -31.55
C GLU A 168 21.64 7.00 -30.28
N LYS A 169 21.46 6.40 -29.11
CA LYS A 169 21.52 7.14 -27.85
C LYS A 169 22.77 6.86 -27.04
N GLY A 170 23.40 5.73 -27.23
CA GLY A 170 24.56 5.43 -26.40
C GLY A 170 24.18 4.75 -25.12
N ALA A 171 25.04 3.80 -24.69
CA ALA A 171 24.77 3.03 -23.49
C ALA A 171 24.86 3.87 -22.22
N GLU A 172 25.58 4.99 -22.25
CA GLU A 172 25.69 5.84 -21.06
C GLU A 172 24.39 6.56 -20.76
N ASN A 173 23.52 6.75 -21.75
CA ASN A 173 22.26 7.46 -21.56
C ASN A 173 21.09 6.53 -21.34
N ILE A 174 21.35 5.24 -21.14
CA ILE A 174 20.31 4.24 -20.92
C ILE A 174 20.39 3.82 -19.46
N ALA A 175 19.38 4.19 -18.68
CA ALA A 175 19.38 3.87 -17.25
C ALA A 175 19.37 2.36 -17.05
N TYR A 176 18.34 1.69 -17.53
CA TYR A 176 18.27 0.23 -17.48
C TYR A 176 17.25 -0.25 -18.49
N ILE A 177 17.25 -1.57 -18.70
CA ILE A 177 16.23 -2.25 -19.49
C ILE A 177 15.22 -2.84 -18.53
N CYS A 178 13.94 -2.53 -18.74
CA CYS A 178 12.86 -2.99 -17.88
C CYS A 178 12.12 -4.11 -18.61
N LEU A 179 12.44 -5.35 -18.23
CA LEU A 179 11.88 -6.53 -18.89
C LEU A 179 10.74 -7.08 -18.02
N ALA A 180 9.50 -6.93 -18.50
CA ALA A 180 8.34 -7.38 -17.75
C ALA A 180 7.97 -8.81 -18.13
N VAL A 181 7.60 -9.60 -17.12
CA VAL A 181 7.13 -10.97 -17.30
C VAL A 181 5.95 -11.19 -16.35
N THR A 182 4.77 -11.40 -16.91
CA THR A 182 4.52 -11.31 -18.35
C THR A 182 4.31 -9.85 -18.75
N VAL A 183 3.87 -9.62 -19.99
CA VAL A 183 3.59 -8.28 -20.49
C VAL A 183 2.10 -8.06 -20.34
N ASN A 184 1.70 -7.29 -19.32
CA ASN A 184 0.29 -7.09 -18.99
C ASN A 184 -0.47 -6.47 -20.17
N LEU A 185 0.07 -5.37 -20.72
CA LEU A 185 -0.69 -4.59 -21.68
C LEU A 185 -0.89 -5.34 -23.00
N ALA A 186 0.05 -6.20 -23.37
CA ALA A 186 -0.09 -6.99 -24.60
C ALA A 186 -1.07 -8.14 -24.45
N GLY A 187 -1.69 -8.29 -23.28
CA GLY A 187 -2.61 -9.36 -23.03
C GLY A 187 -2.13 -10.44 -22.08
N GLY A 188 -1.08 -10.18 -21.31
CA GLY A 188 -0.47 -11.21 -20.49
C GLY A 188 0.44 -12.14 -21.27
N GLN A 189 1.14 -11.61 -22.28
CA GLN A 189 1.95 -12.43 -23.17
C GLN A 189 3.30 -12.74 -22.52
N PRO A 190 3.80 -13.96 -22.68
CA PRO A 190 5.04 -14.36 -22.02
C PRO A 190 6.27 -13.93 -22.79
N VAL A 191 7.42 -14.04 -22.12
CA VAL A 191 8.72 -13.78 -22.70
C VAL A 191 9.53 -15.07 -22.64
N SER A 192 10.24 -15.38 -23.71
CA SER A 192 10.97 -16.63 -23.79
C SER A 192 12.30 -16.52 -23.06
N MET A 193 12.76 -17.67 -22.53
CA MET A 193 14.07 -17.71 -21.88
C MET A 193 15.18 -17.34 -22.85
N ALA A 194 15.04 -17.73 -24.13
CA ALA A 194 16.04 -17.37 -25.13
C ALA A 194 16.13 -15.85 -25.28
N ASN A 195 14.99 -15.16 -25.19
CA ASN A 195 15.00 -13.70 -25.27
C ASN A 195 15.65 -13.09 -24.05
N MET A 196 15.37 -13.64 -22.87
CA MET A 196 16.02 -13.15 -21.65
C MET A 196 17.52 -13.38 -21.70
N ARG A 197 17.96 -14.49 -22.30
CA ARG A 197 19.39 -14.70 -22.52
C ARG A 197 19.95 -13.63 -23.44
N ALA A 198 19.33 -13.44 -24.62
CA ALA A 198 19.87 -12.53 -25.61
C ALA A 198 19.91 -11.09 -25.10
N VAL A 199 18.87 -10.67 -24.38
CA VAL A 199 18.87 -9.33 -23.80
C VAL A 199 20.01 -9.19 -22.80
N ARG A 200 20.20 -10.21 -21.96
CA ARG A 200 21.28 -10.17 -20.98
C ARG A 200 22.65 -10.12 -21.66
N GLU A 201 22.82 -10.90 -22.73
CA GLU A 201 24.10 -10.92 -23.44
C GLU A 201 24.41 -9.56 -24.05
N LEU A 202 23.40 -8.91 -24.65
CA LEU A 202 23.64 -7.65 -25.34
C LEU A 202 23.80 -6.49 -24.35
N THR A 203 23.03 -6.49 -23.26
CA THR A 203 23.13 -5.40 -22.30
C THR A 203 24.45 -5.46 -21.53
N ALA A 204 24.89 -6.66 -21.15
CA ALA A 204 26.12 -6.79 -20.39
C ALA A 204 27.33 -6.35 -21.19
N ALA A 205 27.30 -6.53 -22.51
CA ALA A 205 28.40 -6.08 -23.36
C ALA A 205 28.53 -4.57 -23.39
N HIS A 206 27.48 -3.84 -22.98
CA HIS A 206 27.51 -2.39 -22.93
C HIS A 206 27.37 -1.86 -21.50
N GLY A 207 27.40 -2.73 -20.49
CA GLY A 207 27.27 -2.30 -19.12
C GLY A 207 25.91 -1.78 -18.75
N ILE A 208 24.88 -2.12 -19.51
CA ILE A 208 23.53 -1.65 -19.25
C ILE A 208 22.85 -2.58 -18.26
N LYS A 209 22.22 -1.99 -17.25
CA LYS A 209 21.52 -2.76 -16.22
C LYS A 209 20.21 -3.30 -16.76
N VAL A 210 19.77 -4.42 -16.19
CA VAL A 210 18.50 -5.06 -16.53
C VAL A 210 17.74 -5.35 -15.25
N PHE A 211 16.55 -4.77 -15.13
CA PHE A 211 15.67 -5.01 -13.99
C PHE A 211 14.35 -5.56 -14.49
N TYR A 212 13.89 -6.65 -13.88
CA TYR A 212 12.67 -7.30 -14.30
C TYR A 212 11.46 -6.74 -13.57
N ASP A 213 10.31 -6.80 -14.24
CA ASP A 213 9.01 -6.63 -13.61
C ASP A 213 8.48 -8.05 -13.40
N ALA A 214 8.73 -8.59 -12.21
CA ALA A 214 8.46 -10.00 -11.92
C ALA A 214 7.01 -10.27 -11.54
N THR A 215 6.12 -9.30 -11.74
CA THR A 215 4.77 -9.36 -11.19
C THR A 215 4.06 -10.66 -11.54
N ARG A 216 4.11 -11.08 -12.80
CA ARG A 216 3.48 -12.34 -13.20
C ARG A 216 4.53 -13.29 -13.78
N CYS A 217 5.64 -13.47 -13.06
CA CYS A 217 6.75 -14.28 -13.55
C CYS A 217 6.45 -15.78 -13.50
N VAL A 218 5.58 -16.22 -12.59
CA VAL A 218 5.27 -17.65 -12.52
C VAL A 218 4.42 -18.06 -13.71
N GLU A 219 3.42 -17.25 -14.07
CA GLU A 219 2.69 -17.48 -15.31
C GLU A 219 3.63 -17.53 -16.49
N ASN A 220 4.59 -16.60 -16.54
CA ASN A 220 5.61 -16.61 -17.59
C ASN A 220 6.40 -17.91 -17.57
N ALA A 221 6.75 -18.40 -16.38
CA ALA A 221 7.52 -19.63 -16.28
C ALA A 221 6.75 -20.82 -16.83
N TYR A 222 5.43 -20.84 -16.62
CA TYR A 222 4.62 -21.94 -17.15
C TYR A 222 4.66 -21.97 -18.68
N PHE A 223 4.54 -20.80 -19.33
CA PHE A 223 4.57 -20.76 -20.78
C PHE A 223 5.90 -21.31 -21.32
N ILE A 224 6.99 -21.04 -20.60
CA ILE A 224 8.29 -21.59 -21.01
C ILE A 224 8.26 -23.10 -20.93
N LYS A 225 7.76 -23.65 -19.82
CA LYS A 225 7.69 -25.09 -19.67
C LYS A 225 6.80 -25.73 -20.72
N GLU A 226 5.75 -25.03 -21.15
CA GLU A 226 4.77 -25.59 -22.07
C GLU A 226 5.18 -25.47 -23.53
N GLN A 227 5.79 -24.34 -23.91
CA GLN A 227 5.93 -24.00 -25.32
C GLN A 227 7.36 -23.80 -25.79
N GLU A 228 8.33 -23.65 -24.90
CA GLU A 228 9.71 -23.43 -25.30
C GLU A 228 10.46 -24.76 -25.27
N GLN A 229 11.07 -25.11 -26.41
CA GLN A 229 11.74 -26.40 -26.53
C GLN A 229 12.93 -26.47 -25.57
N GLY A 230 13.03 -27.60 -24.85
CA GLY A 230 14.11 -27.83 -23.92
C GLY A 230 13.73 -27.68 -22.47
N PHE A 231 12.60 -27.05 -22.17
CA PHE A 231 12.18 -26.79 -20.80
C PHE A 231 11.03 -27.68 -20.36
N GLU A 232 10.66 -28.68 -21.17
CA GLU A 232 9.50 -29.50 -20.84
C GLU A 232 9.74 -30.38 -19.61
N ASN A 233 10.99 -30.74 -19.35
CA ASN A 233 11.33 -31.56 -18.19
C ASN A 233 11.95 -30.75 -17.07
N LYS A 234 11.74 -29.43 -17.06
CA LYS A 234 12.23 -28.57 -16.00
C LYS A 234 11.06 -28.09 -15.14
N SER A 235 11.29 -28.04 -13.84
CA SER A 235 10.24 -27.60 -12.92
C SER A 235 10.03 -26.10 -13.06
N ILE A 236 8.87 -25.65 -12.55
CA ILE A 236 8.56 -24.22 -12.54
C ILE A 236 9.64 -23.46 -11.77
N ALA A 237 10.10 -24.02 -10.65
CA ALA A 237 11.09 -23.34 -9.83
C ALA A 237 12.42 -23.22 -10.55
N GLU A 238 12.85 -24.28 -11.24
CA GLU A 238 14.07 -24.20 -12.03
C GLU A 238 13.97 -23.14 -13.11
N ILE A 239 12.79 -22.99 -13.71
CA ILE A 239 12.61 -21.99 -14.77
C ILE A 239 12.62 -20.60 -14.18
N VAL A 240 11.90 -20.40 -13.07
CA VAL A 240 11.88 -19.09 -12.41
C VAL A 240 13.28 -18.68 -11.99
N HIS A 241 14.03 -19.62 -11.41
CA HIS A 241 15.37 -19.30 -10.94
C HIS A 241 16.28 -18.90 -12.10
N GLU A 242 16.18 -19.60 -13.23
CA GLU A 242 17.02 -19.26 -14.37
C GLU A 242 16.62 -17.93 -14.99
N MET A 243 15.31 -17.62 -14.98
CA MET A 243 14.85 -16.35 -15.54
C MET A 243 15.54 -15.17 -14.87
N PHE A 244 15.57 -15.15 -13.54
CA PHE A 244 16.16 -14.02 -12.83
C PHE A 244 17.68 -14.03 -12.84
N SER A 245 18.31 -15.13 -13.25
CA SER A 245 19.75 -15.15 -13.39
C SER A 245 20.23 -14.21 -14.49
N TYR A 246 19.34 -13.80 -15.39
CA TYR A 246 19.67 -12.88 -16.47
C TYR A 246 19.29 -11.44 -16.13
N ALA A 247 19.04 -11.15 -14.85
CA ALA A 247 18.64 -9.81 -14.43
C ALA A 247 19.51 -9.36 -13.26
N ASP A 248 19.65 -8.04 -13.13
CA ASP A 248 20.36 -7.43 -12.02
C ASP A 248 19.45 -7.17 -10.82
N GLY A 249 18.15 -7.19 -11.02
CA GLY A 249 17.21 -6.97 -9.94
C GLY A 249 15.80 -7.09 -10.47
N CYS A 250 14.84 -6.89 -9.58
CA CYS A 250 13.44 -6.97 -9.98
C CYS A 250 12.58 -6.16 -9.02
N THR A 251 11.46 -5.68 -9.55
CA THR A 251 10.34 -5.23 -8.74
C THR A 251 9.23 -6.25 -8.86
N MET A 252 8.58 -6.54 -7.74
CA MET A 252 7.58 -7.59 -7.69
C MET A 252 6.34 -7.09 -6.96
N SER A 253 5.19 -7.25 -7.61
CA SER A 253 3.90 -7.06 -6.96
C SER A 253 3.42 -8.44 -6.52
N GLY A 254 3.66 -8.77 -5.24
CA GLY A 254 3.19 -10.04 -4.71
C GLY A 254 1.70 -10.24 -4.83
N LYS A 255 0.93 -9.15 -4.94
CA LYS A 255 -0.51 -9.23 -5.11
C LYS A 255 -0.92 -10.01 -6.35
N LYS A 256 0.03 -10.36 -7.21
CA LYS A 256 -0.28 -11.22 -8.35
C LYS A 256 0.17 -12.64 -8.09
N ASP A 257 1.35 -13.03 -8.58
CA ASP A 257 1.73 -14.44 -8.58
C ASP A 257 2.18 -14.96 -7.22
N CYS A 258 2.30 -14.11 -6.20
CA CYS A 258 2.59 -14.59 -4.86
C CYS A 258 1.34 -15.00 -4.08
N LEU A 259 0.16 -14.90 -4.71
CA LEU A 259 -1.08 -15.45 -4.15
C LEU A 259 -1.47 -14.79 -2.84
N VAL A 260 -1.33 -13.46 -2.76
CA VAL A 260 -1.71 -12.71 -1.58
C VAL A 260 -2.60 -11.54 -1.99
N ASN A 261 -3.21 -10.91 -0.98
CA ASN A 261 -4.10 -9.78 -1.18
C ASN A 261 -3.40 -8.44 -0.96
N ILE A 262 -2.14 -8.46 -0.53
CA ILE A 262 -1.32 -7.27 -0.36
C ILE A 262 0.12 -7.72 -0.27
N GLY A 263 1.04 -6.88 -0.72
CA GLY A 263 2.46 -7.18 -0.62
C GLY A 263 3.28 -7.05 -1.88
N GLY A 264 4.56 -6.76 -1.71
CA GLY A 264 5.51 -6.67 -2.81
C GLY A 264 6.91 -6.58 -2.24
N PHE A 265 7.89 -6.52 -3.15
CA PHE A 265 9.26 -6.35 -2.71
C PHE A 265 10.13 -5.89 -3.87
N LEU A 266 11.36 -5.48 -3.52
CA LEU A 266 12.37 -5.04 -4.46
C LEU A 266 13.62 -5.88 -4.28
N CYS A 267 14.15 -6.42 -5.37
CA CYS A 267 15.33 -7.26 -5.34
C CYS A 267 16.45 -6.63 -6.15
N MET A 268 17.68 -6.86 -5.68
CA MET A 268 18.87 -6.48 -6.44
C MET A 268 20.04 -7.28 -5.89
N ASN A 269 21.11 -7.34 -6.70
CA ASN A 269 22.36 -7.98 -6.30
C ASN A 269 23.42 -6.98 -5.85
N ASP A 270 23.33 -5.73 -6.27
CA ASP A 270 24.36 -4.74 -5.97
C ASP A 270 24.28 -4.30 -4.51
N ASP A 271 25.40 -4.39 -3.80
CA ASP A 271 25.42 -4.02 -2.39
C ASP A 271 25.16 -2.53 -2.19
N GLU A 272 25.76 -1.69 -3.03
CA GLU A 272 25.60 -0.25 -2.86
C GLU A 272 24.16 0.19 -3.13
N MET A 273 23.55 -0.33 -4.21
CA MET A 273 22.15 -0.01 -4.47
C MET A 273 21.25 -0.50 -3.35
N PHE A 274 21.58 -1.64 -2.75
CA PHE A 274 20.79 -2.14 -1.62
C PHE A 274 20.91 -1.22 -0.42
N SER A 275 22.09 -0.63 -0.20
CA SER A 275 22.24 0.33 0.90
C SER A 275 21.38 1.56 0.68
N SER A 276 21.37 2.10 -0.54
CA SER A 276 20.53 3.25 -0.82
C SER A 276 19.04 2.88 -0.78
N ALA A 277 18.70 1.65 -1.13
CA ALA A 277 17.30 1.22 -1.06
C ALA A 277 16.80 1.25 0.38
N LYS A 278 17.60 0.76 1.32
CA LYS A 278 17.20 0.79 2.73
C LYS A 278 17.06 2.22 3.23
N GLU A 279 17.85 3.15 2.70
CA GLU A 279 17.68 4.55 3.06
C GLU A 279 16.34 5.10 2.56
N LEU A 280 15.91 4.67 1.38
CA LEU A 280 14.72 5.22 0.76
C LEU A 280 13.45 4.52 1.21
N VAL A 281 13.52 3.23 1.55
CA VAL A 281 12.32 2.51 1.98
C VAL A 281 11.77 3.10 3.26
N VAL A 282 12.63 3.69 4.10
CA VAL A 282 12.21 4.18 5.40
C VAL A 282 11.21 5.33 5.25
N VAL A 283 11.50 6.29 4.36
CA VAL A 283 10.66 7.47 4.26
C VAL A 283 9.36 7.20 3.51
N TYR A 284 9.29 6.16 2.68
CA TYR A 284 8.09 5.88 1.91
C TYR A 284 7.30 4.69 2.45
N GLU A 285 7.95 3.55 2.66
CA GLU A 285 7.27 2.31 3.03
C GLU A 285 7.40 1.99 4.51
N GLY A 286 8.62 2.02 5.04
CA GLY A 286 8.88 1.64 6.41
C GLY A 286 10.28 1.04 6.53
N MET A 287 10.51 0.38 7.65
CA MET A 287 11.81 -0.23 7.90
C MET A 287 12.14 -1.25 6.81
N PRO A 288 13.43 -1.47 6.54
CA PRO A 288 13.82 -2.57 5.64
C PRO A 288 13.39 -3.94 6.13
N SER A 289 12.94 -4.03 7.38
CA SER A 289 12.56 -5.30 8.00
C SER A 289 11.04 -5.54 7.97
N TYR A 290 10.26 -4.66 7.36
CA TYR A 290 8.85 -4.93 7.16
C TYR A 290 8.32 -4.19 5.94
N GLY A 291 8.93 -3.07 5.59
CA GLY A 291 8.62 -2.33 4.38
C GLY A 291 7.15 -2.05 4.13
N GLY A 292 6.43 -1.58 5.15
CA GLY A 292 5.02 -1.29 5.00
C GLY A 292 4.11 -2.49 5.00
N LEU A 293 4.58 -3.64 5.47
CA LEU A 293 3.77 -4.84 5.57
C LEU A 293 3.72 -5.32 7.02
N ALA A 294 2.56 -5.80 7.44
CA ALA A 294 2.48 -6.52 8.70
C ALA A 294 3.27 -7.82 8.59
N GLY A 295 3.75 -8.31 9.74
CA GLY A 295 4.48 -9.56 9.74
C GLY A 295 3.71 -10.69 9.10
N ARG A 296 2.42 -10.80 9.42
CA ARG A 296 1.59 -11.88 8.88
C ARG A 296 1.54 -11.84 7.35
N ASP A 297 1.60 -10.65 6.75
CA ASP A 297 1.55 -10.58 5.29
C ASP A 297 2.89 -10.92 4.64
N MET A 298 4.01 -10.59 5.29
CA MET A 298 5.29 -11.12 4.84
C MET A 298 5.30 -12.64 4.91
N GLU A 299 4.68 -13.20 5.95
CA GLU A 299 4.58 -14.65 6.07
C GLU A 299 3.71 -15.23 4.95
N ALA A 300 2.56 -14.62 4.71
CA ALA A 300 1.65 -15.15 3.67
C ALA A 300 2.30 -15.07 2.29
N MET A 301 3.03 -13.99 2.02
CA MET A 301 3.66 -13.84 0.70
C MET A 301 4.81 -14.82 0.53
N ALA A 302 5.57 -15.08 1.60
CA ALA A 302 6.63 -16.09 1.53
C ALA A 302 6.04 -17.47 1.23
N ILE A 303 4.93 -17.80 1.88
CA ILE A 303 4.29 -19.09 1.65
C ILE A 303 3.64 -19.13 0.28
N GLY A 304 3.00 -18.03 -0.12
CA GLY A 304 2.35 -18.00 -1.41
C GLY A 304 3.32 -18.16 -2.58
N LEU A 305 4.49 -17.51 -2.49
CA LEU A 305 5.46 -17.63 -3.58
C LEU A 305 5.93 -19.07 -3.74
N ARG A 306 6.12 -19.77 -2.63
CA ARG A 306 6.49 -21.19 -2.72
C ARG A 306 5.35 -22.04 -3.26
N GLU A 307 4.11 -21.68 -2.99
CA GLU A 307 2.97 -22.44 -3.50
C GLU A 307 2.83 -22.28 -5.01
N ALA A 308 3.20 -21.12 -5.55
CA ALA A 308 3.09 -20.87 -6.98
C ALA A 308 4.01 -21.77 -7.79
N MET A 309 5.07 -22.31 -7.19
CA MET A 309 5.98 -23.19 -7.91
C MET A 309 5.38 -24.55 -8.21
N GLN A 310 4.23 -24.90 -7.62
CA GLN A 310 3.59 -26.18 -7.90
C GLN A 310 3.09 -26.19 -9.34
N TYR A 311 3.53 -27.17 -10.13
CA TYR A 311 3.15 -27.21 -11.54
C TYR A 311 1.64 -27.29 -11.71
N GLU A 312 0.99 -28.15 -10.91
CA GLU A 312 -0.45 -28.35 -11.07
C GLU A 312 -1.23 -27.07 -10.80
N TYR A 313 -0.82 -26.30 -9.79
CA TYR A 313 -1.50 -25.03 -9.52
C TYR A 313 -1.40 -24.09 -10.72
N ILE A 314 -0.17 -23.86 -11.21
CA ILE A 314 0.01 -22.84 -12.23
C ILE A 314 -0.54 -23.32 -13.56
N GLU A 315 -0.47 -24.63 -13.83
CA GLU A 315 -1.07 -25.18 -15.04
C GLU A 315 -2.58 -24.93 -15.05
N HIS A 316 -3.24 -25.20 -13.93
CA HIS A 316 -4.68 -24.94 -13.84
C HIS A 316 -4.98 -23.45 -13.92
N ARG A 317 -4.15 -22.62 -13.30
CA ARG A 317 -4.36 -21.17 -13.33
C ARG A 317 -4.43 -20.67 -14.76
N VAL A 318 -3.42 -20.99 -15.57
CA VAL A 318 -3.35 -20.51 -16.94
C VAL A 318 -4.44 -21.15 -17.79
N LYS A 319 -4.63 -22.47 -17.66
CA LYS A 319 -5.59 -23.16 -18.49
C LYS A 319 -7.04 -22.80 -18.15
N GLN A 320 -7.30 -22.34 -16.92
CA GLN A 320 -8.63 -21.83 -16.62
C GLN A 320 -8.90 -20.54 -17.38
N VAL A 321 -7.91 -19.65 -17.45
CA VAL A 321 -8.03 -18.47 -18.29
C VAL A 321 -8.21 -18.89 -19.75
N ARG A 322 -7.43 -19.88 -20.18
CA ARG A 322 -7.51 -20.36 -21.56
C ARG A 322 -8.88 -20.96 -21.87
N TYR A 323 -9.50 -21.61 -20.89
CA TYR A 323 -10.84 -22.15 -21.09
C TYR A 323 -11.84 -21.05 -21.40
N LEU A 324 -11.78 -19.95 -20.65
CA LEU A 324 -12.66 -18.82 -20.93
C LEU A 324 -12.38 -18.24 -22.31
N GLY A 325 -11.10 -18.13 -22.68
CA GLY A 325 -10.76 -17.64 -24.00
C GLY A 325 -11.20 -18.58 -25.11
N ASP A 326 -11.03 -19.89 -24.90
CA ASP A 326 -11.39 -20.86 -25.93
C ASP A 326 -12.90 -20.87 -26.19
N LYS A 327 -13.69 -20.75 -25.12
CA LYS A 327 -15.14 -20.79 -25.29
C LYS A 327 -15.65 -19.53 -25.99
N LEU A 328 -15.03 -18.39 -25.74
CA LEU A 328 -15.42 -17.15 -26.42
C LEU A 328 -15.02 -17.19 -27.89
N LYS A 329 -13.81 -17.67 -28.18
CA LYS A 329 -13.34 -17.74 -29.56
C LYS A 329 -14.16 -18.73 -30.37
N ALA A 330 -14.58 -19.84 -29.75
CA ALA A 330 -15.37 -20.84 -30.46
C ALA A 330 -16.73 -20.30 -30.87
N ALA A 331 -17.25 -19.32 -30.13
CA ALA A 331 -18.52 -18.69 -30.47
C ALA A 331 -18.37 -17.50 -31.39
N GLY A 332 -17.15 -17.15 -31.78
CA GLY A 332 -16.92 -16.04 -32.67
C GLY A 332 -16.66 -14.71 -32.01
N VAL A 333 -16.58 -14.67 -30.69
CA VAL A 333 -16.31 -13.42 -29.98
C VAL A 333 -14.86 -13.00 -30.23
N PRO A 334 -14.61 -11.77 -30.67
CA PRO A 334 -13.23 -11.36 -30.95
C PRO A 334 -12.47 -11.10 -29.67
N ILE A 335 -11.24 -11.64 -29.59
CA ILE A 335 -10.41 -11.52 -28.41
C ILE A 335 -8.97 -11.24 -28.84
N VAL A 336 -8.17 -10.78 -27.87
CA VAL A 336 -6.73 -10.73 -28.06
C VAL A 336 -6.18 -12.15 -28.02
N GLU A 337 -5.29 -12.46 -28.96
CA GLU A 337 -4.73 -13.80 -29.05
C GLU A 337 -3.22 -13.75 -29.11
N PRO A 338 -2.53 -14.76 -28.57
CA PRO A 338 -3.14 -15.86 -27.80
C PRO A 338 -3.57 -15.42 -26.41
N VAL A 339 -4.35 -16.24 -25.73
CA VAL A 339 -4.81 -15.91 -24.39
C VAL A 339 -3.61 -15.80 -23.46
N GLY A 340 -3.57 -14.74 -22.66
CA GLY A 340 -2.50 -14.54 -21.71
C GLY A 340 -2.66 -15.40 -20.46
N GLY A 341 -1.76 -15.18 -19.52
CA GLY A 341 -1.73 -16.01 -18.32
C GLY A 341 -2.74 -15.64 -17.26
N HIS A 342 -3.23 -14.40 -17.26
CA HIS A 342 -4.08 -13.93 -16.18
C HIS A 342 -5.43 -13.39 -16.61
N ALA A 343 -5.66 -13.17 -17.91
CA ALA A 343 -6.88 -12.49 -18.31
C ALA A 343 -7.18 -12.80 -19.78
N VAL A 344 -8.44 -12.63 -20.13
CA VAL A 344 -8.90 -12.66 -21.52
C VAL A 344 -9.29 -11.23 -21.89
N PHE A 345 -8.73 -10.74 -22.99
CA PHE A 345 -8.97 -9.37 -23.43
C PHE A 345 -9.92 -9.38 -24.61
N LEU A 346 -11.09 -8.77 -24.44
N LEU A 346 -11.09 -8.77 -24.44
CA LEU A 346 -12.06 -8.66 -25.53
CA LEU A 346 -12.05 -8.64 -25.53
C LEU A 346 -11.68 -7.49 -26.43
C LEU A 346 -11.64 -7.48 -26.43
N ASP A 347 -11.56 -7.76 -27.73
N ASP A 347 -11.52 -7.75 -27.73
CA ASP A 347 -11.25 -6.72 -28.71
CA ASP A 347 -11.17 -6.71 -28.70
C ASP A 347 -12.46 -5.82 -28.87
C ASP A 347 -12.38 -5.81 -28.90
N ALA A 348 -12.41 -4.63 -28.25
N ALA A 348 -12.33 -4.61 -28.31
CA ALA A 348 -13.53 -3.70 -28.32
CA ALA A 348 -13.44 -3.67 -28.43
C ALA A 348 -13.73 -3.12 -29.71
C ALA A 348 -13.55 -3.08 -29.82
N ARG A 349 -12.68 -3.07 -30.52
N ARG A 349 -12.47 -3.10 -30.61
CA ARG A 349 -12.83 -2.57 -31.90
CA ARG A 349 -12.55 -2.64 -31.99
C ARG A 349 -13.76 -3.47 -32.70
C ARG A 349 -13.53 -3.49 -32.79
N ARG A 350 -13.48 -4.78 -32.71
N ARG A 350 -13.31 -4.81 -32.81
CA ARG A 350 -14.33 -5.71 -33.45
CA ARG A 350 -14.19 -5.71 -33.54
C ARG A 350 -15.65 -5.96 -32.74
C ARG A 350 -15.51 -5.93 -32.81
N PHE A 351 -15.67 -5.90 -31.40
N PHE A 351 -15.52 -5.84 -31.48
CA PHE A 351 -16.91 -6.10 -30.67
CA PHE A 351 -16.77 -5.94 -30.75
C PHE A 351 -17.89 -4.96 -30.87
C PHE A 351 -17.66 -4.73 -31.03
N CYS A 352 -17.43 -3.81 -31.36
N CYS A 352 -17.07 -3.57 -31.24
CA CYS A 352 -18.29 -2.66 -31.62
CA CYS A 352 -17.81 -2.33 -31.53
C CYS A 352 -17.84 -2.00 -32.92
C CYS A 352 -17.19 -1.69 -32.77
N GLU A 353 -18.07 -2.70 -34.03
N GLU A 353 -17.46 -2.28 -33.94
CA GLU A 353 -17.77 -2.11 -35.34
CA GLU A 353 -16.94 -1.74 -35.19
C GLU A 353 -18.80 -1.06 -35.72
C GLU A 353 -17.59 -0.42 -35.55
N HIS A 354 -20.07 -1.28 -35.34
N HIS A 354 -18.84 -0.20 -35.13
CA HIS A 354 -21.12 -0.32 -35.62
CA HIS A 354 -19.55 1.03 -35.47
C HIS A 354 -20.99 0.93 -34.75
C HIS A 354 -19.00 2.22 -34.70
N LEU A 355 -20.25 0.86 -33.65
N LEU A 355 -18.40 1.99 -33.54
CA LEU A 355 -20.04 1.99 -32.77
CA LEU A 355 -17.88 3.06 -32.71
C LEU A 355 -18.68 2.63 -33.06
C LEU A 355 -16.43 3.36 -33.07
N THR A 356 -18.62 3.95 -32.95
N THR A 356 -16.06 4.63 -32.99
CA THR A 356 -17.36 4.66 -33.16
CA THR A 356 -14.69 5.06 -33.19
C THR A 356 -16.55 4.66 -31.87
C THR A 356 -13.95 5.05 -31.84
N GLN A 357 -15.28 5.10 -32.00
N GLN A 357 -12.65 5.32 -31.90
CA GLN A 357 -14.40 5.15 -30.83
CA GLN A 357 -11.85 5.36 -30.68
C GLN A 357 -14.70 6.35 -29.94
C GLN A 357 -12.08 6.64 -29.87
N ASP A 358 -15.27 7.42 -30.51
N ASP A 358 -12.80 7.62 -30.43
CA ASP A 358 -15.66 8.56 -29.70
CA ASP A 358 -13.22 8.77 -29.63
C ASP A 358 -16.80 8.23 -28.75
C ASP A 358 -14.48 8.47 -28.84
N GLU A 359 -17.60 7.21 -29.06
N GLU A 359 -15.30 7.53 -29.30
CA GLU A 359 -18.60 6.70 -28.14
CA GLU A 359 -16.54 7.15 -28.63
C GLU A 359 -18.02 5.74 -27.11
C GLU A 359 -16.31 6.21 -27.46
N PHE A 360 -16.72 5.46 -27.18
N PHE A 360 -15.07 5.77 -27.23
CA PHE A 360 -15.98 4.63 -26.23
CA PHE A 360 -14.69 4.90 -26.12
C PHE A 360 -16.59 3.23 -26.14
C PHE A 360 -15.53 3.61 -26.13
N PRO A 361 -16.19 2.33 -27.04
N PRO A 361 -15.31 2.72 -27.09
CA PRO A 361 -16.78 0.98 -27.00
CA PRO A 361 -16.11 1.50 -27.15
C PRO A 361 -16.27 0.15 -25.84
C PRO A 361 -15.80 0.52 -26.04
N ALA A 362 -14.98 0.24 -25.51
N ALA A 362 -14.57 0.51 -25.53
CA ALA A 362 -14.43 -0.56 -24.41
CA ALA A 362 -14.20 -0.46 -24.51
C ALA A 362 -15.07 -0.20 -23.09
C ALA A 362 -14.89 -0.17 -23.19
N GLN A 363 -15.24 1.10 -22.82
N GLN A 363 -14.95 1.10 -22.79
CA GLN A 363 -15.92 1.51 -21.59
CA GLN A 363 -15.59 1.44 -21.52
C GLN A 363 -17.40 1.16 -21.63
C GLN A 363 -17.09 1.15 -21.56
N SER A 364 -18.01 1.15 -22.82
N SER A 364 -17.74 1.48 -22.66
CA SER A 364 -19.41 0.77 -22.93
CA SER A 364 -19.18 1.18 -22.78
C SER A 364 -19.61 -0.73 -22.91
C SER A 364 -19.43 -0.31 -22.92
N LEU A 365 -18.66 -1.49 -23.46
N LEU A 365 -18.46 -1.05 -23.47
CA LEU A 365 -18.76 -2.95 -23.42
CA LEU A 365 -18.60 -2.50 -23.54
C LEU A 365 -18.69 -3.46 -21.98
C LEU A 365 -18.48 -3.12 -22.15
N ALA A 366 -17.76 -2.91 -21.19
N ALA A 366 -17.49 -2.68 -21.37
CA ALA A 366 -17.64 -3.34 -19.79
CA ALA A 366 -17.36 -3.17 -20.00
C ALA A 366 -18.91 -3.01 -19.01
C ALA A 366 -18.58 -2.80 -19.17
N ALA A 367 -19.46 -1.82 -19.22
N ALA A 367 -19.07 -1.57 -19.33
CA ALA A 367 -20.71 -1.46 -18.54
CA ALA A 367 -20.29 -1.16 -18.61
C ALA A 367 -21.87 -2.35 -18.99
C ALA A 367 -21.50 -1.97 -19.06
N SER A 368 -21.91 -2.69 -20.27
N SER A 368 -21.54 -2.40 -20.33
CA SER A 368 -22.98 -3.55 -20.76
CA SER A 368 -22.64 -3.21 -20.81
C SER A 368 -22.83 -4.98 -20.25
C SER A 368 -22.54 -4.66 -20.33
N ILE A 369 -21.59 -5.41 -19.99
N ILE A 369 -21.32 -5.14 -20.08
CA ILE A 369 -21.37 -6.78 -19.50
CA ILE A 369 -21.16 -6.53 -19.65
C ILE A 369 -21.97 -6.96 -18.11
C ILE A 369 -21.75 -6.73 -18.26
N TYR A 370 -21.78 -5.97 -17.23
N TYR A 370 -21.50 -5.80 -17.33
CA TYR A 370 -22.29 -6.11 -15.86
CA TYR A 370 -22.01 -5.97 -15.99
C TYR A 370 -23.80 -6.15 -15.82
C TYR A 370 -23.54 -5.87 -15.95
N VAL A 371 -24.46 -5.38 -16.70
N VAL A 371 -24.11 -4.95 -16.74
CA VAL A 371 -25.92 -5.33 -16.70
CA VAL A 371 -25.55 -4.76 -16.72
C VAL A 371 -26.50 -6.70 -17.04
C VAL A 371 -26.27 -6.02 -17.18
N GLU A 372 -25.99 -7.32 -18.10
N GLU A 372 -25.69 -6.75 -18.14
CA GLU A 372 -26.56 -8.56 -18.60
CA GLU A 372 -26.32 -7.92 -18.70
C GLU A 372 -25.99 -9.81 -17.93
C GLU A 372 -25.87 -9.23 -18.04
N THR A 373 -24.84 -9.69 -17.27
N THR A 373 -24.70 -9.25 -17.42
CA THR A 373 -24.18 -10.84 -16.66
CA THR A 373 -24.15 -10.49 -16.86
C THR A 373 -23.92 -10.70 -15.17
C THR A 373 -23.90 -10.44 -15.36
N GLY A 374 -23.70 -9.48 -14.67
N GLY A 374 -23.74 -9.26 -14.77
CA GLY A 374 -23.27 -9.32 -13.30
CA GLY A 374 -23.32 -9.17 -13.38
C GLY A 374 -21.78 -9.44 -13.11
C GLY A 374 -21.85 -9.38 -13.16
N VAL A 375 -21.00 -9.35 -14.18
N VAL A 375 -21.03 -9.23 -14.19
CA VAL A 375 -19.55 -9.50 -14.15
CA VAL A 375 -19.60 -9.44 -14.13
C VAL A 375 -18.92 -8.12 -14.35
C VAL A 375 -18.90 -8.11 -14.36
N ARG A 376 -17.95 -7.79 -13.49
N ARG A 376 -17.97 -7.76 -13.48
CA ARG A 376 -17.19 -6.56 -13.65
CA ARG A 376 -17.18 -6.54 -13.63
C ARG A 376 -15.94 -6.82 -14.46
C ARG A 376 -15.94 -6.82 -14.46
N SER A 377 -15.65 -5.93 -15.40
CA SER A 377 -14.45 -6.00 -16.22
C SER A 377 -13.83 -4.61 -16.28
N MET A 378 -12.56 -4.56 -16.69
CA MET A 378 -11.80 -3.32 -16.71
C MET A 378 -11.58 -2.85 -18.14
N GLU A 379 -11.92 -1.59 -18.41
CA GLU A 379 -11.53 -0.96 -19.65
C GLU A 379 -10.01 -0.83 -19.68
N ARG A 380 -9.38 -1.42 -20.69
CA ARG A 380 -7.93 -1.37 -20.85
C ARG A 380 -7.59 -0.97 -22.28
N GLY A 381 -8.23 0.08 -22.76
CA GLY A 381 -7.96 0.59 -24.09
C GLY A 381 -7.42 2.02 -24.07
N ILE A 382 -8.29 2.98 -24.35
CA ILE A 382 -7.87 4.37 -24.55
C ILE A 382 -7.86 5.15 -23.24
N ILE A 383 -8.89 4.97 -22.41
CA ILE A 383 -9.01 5.78 -21.21
C ILE A 383 -7.88 5.52 -20.24
N SER A 384 -7.23 4.36 -20.32
CA SER A 384 -6.01 4.14 -19.56
C SER A 384 -4.89 5.04 -20.05
N ALA A 385 -4.91 5.41 -21.33
CA ALA A 385 -3.93 6.36 -21.85
C ALA A 385 -4.36 7.81 -21.60
N GLY A 386 -5.66 8.10 -21.69
CA GLY A 386 -6.17 9.38 -21.25
C GLY A 386 -6.80 10.27 -22.30
N ARG A 387 -6.95 11.55 -21.96
CA ARG A 387 -7.50 12.56 -22.85
C ARG A 387 -6.40 13.56 -23.20
N ASN A 388 -6.24 13.84 -24.49
CA ASN A 388 -5.20 14.75 -24.96
C ASN A 388 -5.84 15.85 -25.80
N ASN A 389 -5.69 17.09 -25.36
CA ASN A 389 -6.01 18.25 -26.18
C ASN A 389 -4.77 18.73 -26.95
N VAL A 390 -3.60 18.62 -26.35
CA VAL A 390 -2.35 18.97 -26.99
C VAL A 390 -1.83 17.77 -27.80
N HIS A 394 -6.92 12.37 -28.09
CA HIS A 394 -6.58 11.38 -27.06
C HIS A 394 -5.25 10.70 -27.38
N HIS A 395 -4.58 10.20 -26.34
CA HIS A 395 -3.32 9.47 -26.50
C HIS A 395 -3.63 8.09 -27.03
N ARG A 396 -3.87 8.01 -28.34
CA ARG A 396 -4.43 6.82 -28.97
C ARG A 396 -3.50 5.62 -28.91
N PRO A 397 -3.87 4.53 -28.22
CA PRO A 397 -3.10 3.28 -28.33
C PRO A 397 -3.71 2.33 -29.35
N LYS A 398 -2.90 1.39 -29.85
CA LYS A 398 -3.38 0.48 -30.87
C LYS A 398 -4.34 -0.56 -30.30
N LEU A 399 -4.14 -0.97 -29.05
CA LEU A 399 -4.98 -1.97 -28.41
C LEU A 399 -6.17 -1.30 -27.74
N GLU A 400 -7.38 -1.70 -28.13
CA GLU A 400 -8.62 -1.22 -27.55
C GLU A 400 -9.35 -2.45 -26.99
N THR A 401 -9.10 -2.75 -25.73
CA THR A 401 -9.48 -4.03 -25.16
C THR A 401 -10.30 -3.85 -23.88
N VAL A 402 -11.08 -4.90 -23.57
CA VAL A 402 -11.80 -5.02 -22.30
C VAL A 402 -11.27 -6.25 -21.60
N ARG A 403 -10.74 -6.07 -20.39
CA ARG A 403 -9.98 -7.11 -19.71
C ARG A 403 -10.88 -7.88 -18.75
N LEU A 404 -10.97 -9.19 -18.97
CA LEU A 404 -11.62 -10.11 -18.03
C LEU A 404 -10.51 -10.77 -17.23
N THR A 405 -10.21 -10.20 -16.07
CA THR A 405 -9.04 -10.58 -15.28
C THR A 405 -9.45 -11.59 -14.21
N ILE A 406 -8.76 -12.72 -14.17
CA ILE A 406 -9.14 -13.85 -13.32
C ILE A 406 -8.26 -13.84 -12.08
N PRO A 407 -8.83 -13.61 -10.89
CA PRO A 407 -8.06 -13.83 -9.66
C PRO A 407 -7.71 -15.30 -9.49
N ARG A 408 -6.60 -15.55 -8.81
CA ARG A 408 -6.09 -16.91 -8.66
C ARG A 408 -6.87 -17.65 -7.58
N ARG A 409 -7.31 -18.87 -7.90
CA ARG A 409 -7.95 -19.80 -6.97
C ARG A 409 -9.27 -19.29 -6.42
N VAL A 410 -9.93 -18.36 -7.10
CA VAL A 410 -11.17 -17.78 -6.61
C VAL A 410 -12.40 -18.34 -7.32
N TYR A 411 -12.31 -18.57 -8.62
CA TYR A 411 -13.49 -18.95 -9.42
C TYR A 411 -13.30 -20.32 -10.04
N THR A 412 -14.40 -20.86 -10.57
CA THR A 412 -14.47 -22.19 -11.15
C THR A 412 -14.77 -22.09 -12.65
N TYR A 413 -14.78 -23.25 -13.31
CA TYR A 413 -15.15 -23.28 -14.73
C TYR A 413 -16.61 -22.88 -14.93
N ALA A 414 -17.49 -23.27 -14.00
CA ALA A 414 -18.88 -22.85 -14.08
C ALA A 414 -19.02 -21.34 -13.99
N HIS A 415 -18.13 -20.68 -13.23
CA HIS A 415 -18.09 -19.23 -13.23
C HIS A 415 -17.63 -18.70 -14.59
N MET A 416 -16.65 -19.35 -15.20
CA MET A 416 -16.20 -18.95 -16.53
C MET A 416 -17.32 -19.12 -17.55
N ASP A 417 -18.12 -20.18 -17.42
CA ASP A 417 -19.25 -20.38 -18.34
C ASP A 417 -20.27 -19.25 -18.22
N VAL A 418 -20.59 -18.84 -16.99
CA VAL A 418 -21.52 -17.71 -16.81
C VAL A 418 -20.97 -16.47 -17.48
N VAL A 419 -19.67 -16.22 -17.33
CA VAL A 419 -19.04 -15.09 -18.00
C VAL A 419 -19.11 -15.26 -19.51
N ALA A 420 -18.76 -16.45 -20.00
N ALA A 420 -18.76 -16.45 -20.00
CA ALA A 420 -18.77 -16.70 -21.43
CA ALA A 420 -18.76 -16.69 -21.44
C ALA A 420 -20.19 -16.64 -22.01
C ALA A 420 -20.16 -16.60 -22.03
N ASP A 421 -21.11 -17.40 -21.42
N ASP A 421 -21.12 -17.32 -21.43
CA ASP A 421 -22.47 -17.46 -21.94
CA ASP A 421 -22.48 -17.36 -21.97
C ASP A 421 -23.13 -16.09 -21.95
C ASP A 421 -23.11 -15.97 -21.98
N GLY A 422 -22.80 -15.24 -20.97
N GLY A 422 -22.79 -15.12 -21.00
CA GLY A 422 -23.36 -13.89 -20.96
CA GLY A 422 -23.36 -13.79 -20.96
C GLY A 422 -22.78 -13.01 -22.06
C GLY A 422 -22.75 -12.87 -22.01
N ILE A 423 -21.47 -13.11 -22.30
N ILE A 423 -21.45 -12.99 -22.25
CA ILE A 423 -20.85 -12.32 -23.35
CA ILE A 423 -20.79 -12.15 -23.23
C ILE A 423 -21.25 -12.85 -24.72
C ILE A 423 -21.19 -12.57 -24.65
N ILE A 424 -21.38 -14.16 -24.86
N ILE A 424 -21.37 -13.88 -24.86
CA ILE A 424 -21.82 -14.75 -26.13
CA ILE A 424 -21.79 -14.36 -26.17
C ILE A 424 -23.22 -14.26 -26.47
C ILE A 424 -23.14 -13.76 -26.56
N LYS A 425 -24.12 -14.25 -25.49
N LYS A 425 -24.07 -13.66 -25.59
CA LYS A 425 -25.45 -13.71 -25.72
CA LYS A 425 -25.36 -13.06 -25.88
C LYS A 425 -25.39 -12.21 -25.99
C LYS A 425 -25.25 -11.57 -26.14
N LEU A 426 -24.50 -11.50 -25.30
N LEU A 426 -24.33 -10.88 -25.44
CA LEU A 426 -24.33 -10.08 -25.56
CA LEU A 426 -24.11 -9.47 -25.71
C LEU A 426 -23.79 -9.84 -26.96
C LEU A 426 -23.49 -9.24 -27.07
N TYR A 427 -22.91 -10.73 -27.44
N TYR A 427 -22.73 -10.22 -27.58
CA TYR A 427 -22.35 -10.58 -28.78
CA TYR A 427 -22.09 -10.08 -28.88
C TYR A 427 -23.36 -10.90 -29.87
C TYR A 427 -23.09 -10.08 -30.03
N GLN A 428 -24.36 -11.72 -29.58
N GLN A 428 -24.27 -10.66 -29.83
CA GLN A 428 -25.35 -12.08 -30.59
CA GLN A 428 -25.28 -10.69 -30.89
C GLN A 428 -26.41 -11.00 -30.79
C GLN A 428 -25.77 -9.28 -31.22
N HIS A 429 -26.56 -10.08 -29.85
N HIS A 429 -26.16 -8.53 -30.20
CA HIS A 429 -27.35 -8.87 -30.02
CA HIS A 429 -26.63 -7.16 -30.41
C HIS A 429 -26.44 -7.64 -30.01
C HIS A 429 -25.58 -6.16 -29.97
N LYS A 430 -25.25 -7.81 -30.58
N LYS A 430 -24.36 -6.28 -30.53
CA LYS A 430 -24.22 -6.76 -30.58
CA LYS A 430 -23.26 -5.38 -30.18
C LYS A 430 -24.76 -5.43 -31.08
C LYS A 430 -23.49 -3.96 -30.67
N GLU A 431 -25.70 -5.45 -32.02
N GLU A 431 -24.54 -3.70 -31.45
CA GLU A 431 -26.24 -4.21 -32.57
CA GLU A 431 -24.82 -2.35 -31.94
C GLU A 431 -27.03 -3.41 -31.54
C GLU A 431 -25.41 -1.44 -30.88
N ASP A 432 -27.46 -4.04 -30.45
N ASP A 432 -25.98 -2.01 -29.82
CA ASP A 432 -28.21 -3.35 -29.41
CA ASP A 432 -26.60 -1.21 -28.76
C ASP A 432 -27.33 -2.63 -28.40
C ASP A 432 -25.58 -0.49 -27.88
N ILE A 433 -26.02 -2.83 -28.45
N ILE A 433 -24.29 -0.77 -28.06
CA ILE A 433 -25.12 -2.15 -27.51
CA ILE A 433 -23.25 -0.16 -27.23
C ILE A 433 -25.00 -0.69 -27.93
C ILE A 433 -23.05 1.28 -27.71
N ARG A 434 -25.62 0.20 -27.17
N ARG A 434 -23.31 2.24 -26.82
CA ARG A 434 -25.61 1.62 -27.49
CA ARG A 434 -23.24 3.64 -27.16
C ARG A 434 -24.34 2.28 -26.96
C ARG A 434 -21.82 4.18 -26.97
N GLY A 435 -23.93 3.35 -27.64
N GLY A 435 -21.65 5.48 -27.20
CA GLY A 435 -22.78 4.11 -27.20
CA GLY A 435 -20.38 6.14 -27.01
C GLY A 435 -23.05 4.85 -25.90
C GLY A 435 -20.27 6.78 -25.63
N LEU A 436 -21.96 5.32 -25.30
N LEU A 436 -19.04 7.19 -25.31
CA LEU A 436 -22.02 6.02 -24.02
CA LEU A 436 -18.75 7.79 -24.01
C LEU A 436 -21.48 7.44 -24.18
C LEU A 436 -17.77 8.93 -24.19
N LYS A 437 -22.16 8.38 -23.54
N LYS A 437 -17.90 9.94 -23.33
CA LYS A 437 -21.71 9.75 -23.45
CA LYS A 437 -17.05 11.12 -23.36
C LYS A 437 -21.64 10.16 -21.99
C LYS A 437 -16.69 11.53 -21.93
N PHE A 438 -20.48 10.67 -21.58
N PHE A 438 -15.55 12.19 -21.78
CA PHE A 438 -20.27 11.04 -20.18
CA PHE A 438 -15.09 12.63 -20.47
C PHE A 438 -21.07 12.29 -19.82
C PHE A 438 -15.96 13.76 -19.93
N ILE A 439 -21.73 12.25 -18.66
N ILE A 439 -16.22 13.73 -18.63
CA ILE A 439 -22.43 13.42 -18.16
CA ILE A 439 -16.72 14.89 -17.92
C ILE A 439 -21.42 14.46 -17.67
C ILE A 439 -15.81 15.31 -16.77
N TYR A 440 -20.35 14.01 -17.04
N TYR A 440 -14.99 14.40 -16.24
CA TYR A 440 -19.24 14.86 -16.63
CA TYR A 440 -13.95 14.72 -15.28
C TYR A 440 -18.06 13.97 -16.25
C TYR A 440 -12.69 13.97 -15.66
N GLU A 441 -16.85 14.44 -16.53
N GLU A 441 -11.56 14.68 -15.63
CA GLU A 441 -15.65 13.66 -16.30
CA GLU A 441 -10.28 14.12 -16.09
C GLU A 441 -14.57 14.52 -15.65
C GLU A 441 -9.20 14.36 -15.03
N PRO A 442 -13.84 13.97 -14.67
N PRO A 442 -8.73 13.33 -14.35
CA PRO A 442 -12.69 14.70 -14.11
CA PRO A 442 -7.54 13.49 -13.51
C PRO A 442 -11.55 14.80 -15.11
C PRO A 442 -6.32 13.83 -14.35
N LYS A 443 -10.47 15.49 -14.73
N LYS A 443 -5.43 14.64 -13.78
CA LYS A 443 -9.37 15.74 -15.65
CA LYS A 443 -4.21 15.01 -14.51
C LYS A 443 -8.47 14.51 -15.81
C LYS A 443 -3.31 13.80 -14.72
N GLN A 444 -8.09 13.89 -14.69
N GLN A 444 -3.38 12.82 -13.83
CA GLN A 444 -7.11 12.82 -14.69
CA GLN A 444 -2.57 11.62 -13.94
C GLN A 444 -7.76 11.48 -14.35
C GLN A 444 -3.42 10.40 -13.62
N LEU A 445 -7.30 10.44 -15.05
N LEU A 445 -3.24 9.34 -14.40
CA LEU A 445 -7.73 9.06 -14.81
CA LEU A 445 -3.94 8.07 -14.19
C LEU A 445 -9.24 8.93 -14.84
C LEU A 445 -5.45 8.31 -14.06
N ARG A 446 -9.79 9.15 -16.03
N ARG A 446 -6.08 8.55 -15.20
CA ARG A 446 -11.24 9.11 -16.20
CA ARG A 446 -7.42 9.11 -15.27
C ARG A 446 -11.80 7.71 -16.02
C ARG A 446 -8.51 8.05 -15.24
N ALA A 447 -10.97 6.68 -16.23
N ALA A 447 -8.26 6.87 -15.83
CA ALA A 447 -11.44 5.31 -16.03
CA ALA A 447 -9.31 5.85 -15.96
C ALA A 447 -11.80 5.06 -14.57
C ALA A 447 -9.90 5.43 -14.61
N PHE A 448 -11.03 5.66 -13.65
N PHE A 448 -9.23 5.73 -13.50
CA PHE A 448 -11.34 5.48 -12.22
CA PHE A 448 -9.68 5.24 -12.20
C PHE A 448 -12.61 6.22 -11.82
C PHE A 448 -10.76 6.14 -11.60
N THR A 449 -12.87 7.37 -12.43
N THR A 449 -10.61 7.45 -11.71
CA THR A 449 -14.01 8.21 -12.06
CA THR A 449 -11.56 8.40 -11.15
C THR A 449 -14.64 8.77 -13.32
C THR A 449 -12.37 9.13 -12.21
N ALA A 450 -15.85 8.32 -13.62
N ALA A 450 -12.18 8.79 -13.49
CA ALA A 450 -16.64 8.82 -14.75
CA ALA A 450 -12.89 9.50 -14.55
C ALA A 450 -18.03 8.22 -14.67
C ALA A 450 -14.36 9.12 -14.58
N ARG A 451 -19.00 8.94 -15.22
N ARG A 451 -15.22 10.12 -14.74
CA ARG A 451 -20.38 8.48 -15.27
CA ARG A 451 -16.64 9.93 -14.97
C ARG A 451 -20.94 8.76 -16.66
C ARG A 451 -16.96 10.23 -16.42
N PHE A 452 -21.59 7.76 -17.25
N PHE A 452 -18.07 9.65 -16.90
CA PHE A 452 -22.07 7.82 -18.62
CA PHE A 452 -18.40 9.74 -18.31
C PHE A 452 -23.58 7.62 -18.67
C PHE A 452 -19.90 9.94 -18.49
N ASP A 453 -24.11 7.62 -19.89
N ASP A 453 -20.28 10.21 -19.73
CA ASP A 453 -25.53 7.37 -20.14
CA ASP A 453 -21.67 10.35 -20.13
C ASP A 453 -25.69 6.91 -21.57
C ASP A 453 -21.81 9.90 -21.58
N TYR A 454 -26.73 6.12 -21.83
N TYR A 454 -22.99 9.39 -21.93
CA TYR A 454 -26.96 5.56 -23.14
CA TYR A 454 -23.22 8.90 -23.28
C TYR A 454 -27.28 6.65 -24.16
C TYR A 454 -23.13 10.04 -24.29
N ILE A 455 -26.99 6.35 -25.42
N ILE A 455 -22.59 9.72 -25.47
CA ILE A 455 -27.30 7.27 -26.52
CA ILE A 455 -22.46 10.70 -26.54
C ILE A 455 -28.81 7.32 -26.76
C ILE A 455 -23.77 10.78 -27.32
N ASN B 1 -5.95 4.68 40.85
CA ASN B 1 -4.87 4.59 39.88
C ASN B 1 -4.42 3.14 39.69
N TYR B 2 -3.86 2.85 38.52
CA TYR B 2 -3.43 1.52 38.08
C TYR B 2 -4.61 0.57 38.06
N PRO B 3 -5.52 0.71 37.10
CA PRO B 3 -6.64 -0.22 36.98
C PRO B 3 -6.21 -1.53 36.33
N ALA B 4 -6.97 -2.58 36.62
CA ALA B 4 -6.76 -3.85 35.95
C ALA B 4 -7.08 -3.73 34.47
N GLU B 5 -6.61 -4.70 33.69
CA GLU B 5 -6.85 -4.69 32.25
C GLU B 5 -8.35 -4.76 31.98
N PRO B 6 -8.90 -3.83 31.20
CA PRO B 6 -10.35 -3.89 30.89
C PRO B 6 -10.65 -4.88 29.77
N PHE B 7 -10.01 -6.05 29.81
CA PHE B 7 -10.20 -7.09 28.81
C PHE B 7 -9.58 -8.38 29.34
N ARG B 8 -10.01 -9.50 28.77
CA ARG B 8 -9.38 -10.79 28.99
C ARG B 8 -8.38 -11.09 27.88
N ILE B 9 -7.51 -12.06 28.14
CA ILE B 9 -6.63 -12.55 27.10
C ILE B 9 -7.40 -13.57 26.27
N LYS B 10 -7.49 -13.33 24.97
CA LYS B 10 -8.15 -14.30 24.09
C LYS B 10 -7.16 -15.33 23.56
N SER B 11 -6.00 -14.87 23.10
CA SER B 11 -4.94 -15.76 22.66
C SER B 11 -3.59 -15.16 23.02
N VAL B 12 -2.57 -16.00 23.08
CA VAL B 12 -1.26 -15.59 23.54
C VAL B 12 -0.24 -15.75 22.42
N GLU B 13 0.88 -15.07 22.57
CA GLU B 13 2.01 -15.17 21.64
C GLU B 13 3.17 -15.86 22.34
N THR B 14 3.67 -16.92 21.70
CA THR B 14 4.74 -17.73 22.28
C THR B 14 6.05 -16.96 22.30
N VAL B 15 6.80 -17.10 23.40
CA VAL B 15 8.12 -16.50 23.55
C VAL B 15 9.10 -17.57 24.00
N SER B 16 10.39 -17.27 23.85
CA SER B 16 11.42 -18.29 24.05
C SER B 16 11.81 -18.46 25.52
N MET B 17 11.96 -17.36 26.26
CA MET B 17 12.37 -17.38 27.67
C MET B 17 13.79 -17.94 27.83
N ILE B 18 14.73 -17.39 27.07
CA ILE B 18 16.11 -17.86 27.12
C ILE B 18 16.81 -17.28 28.34
N PRO B 19 17.80 -17.96 28.92
CA PRO B 19 18.46 -17.46 30.14
C PRO B 19 19.40 -16.30 29.88
N ARG B 20 20.05 -15.80 30.95
CA ARG B 20 20.90 -14.64 30.82
C ARG B 20 22.15 -14.95 29.99
N ASP B 21 22.84 -16.04 30.31
CA ASP B 21 24.03 -16.41 29.55
C ASP B 21 23.72 -16.59 28.07
N GLU B 22 22.51 -17.05 27.74
CA GLU B 22 22.11 -17.13 26.35
C GLU B 22 21.81 -15.74 25.78
N ARG B 23 21.15 -14.89 26.56
CA ARG B 23 20.84 -13.54 26.10
C ARG B 23 22.11 -12.75 25.80
N LEU B 24 23.14 -12.93 26.63
CA LEU B 24 24.42 -12.27 26.37
C LEU B 24 25.00 -12.74 25.04
N LYS B 25 24.91 -14.04 24.75
CA LYS B 25 25.30 -14.56 23.45
C LYS B 25 24.56 -13.85 22.32
N LYS B 26 23.23 -13.73 22.46
CA LYS B 26 22.45 -13.08 21.41
C LYS B 26 22.81 -11.61 21.27
N MET B 27 23.06 -10.93 22.39
CA MET B 27 23.40 -9.51 22.33
C MET B 27 24.77 -9.31 21.68
N GLN B 28 25.72 -10.21 21.95
CA GLN B 28 27.03 -10.11 21.33
C GLN B 28 26.95 -10.39 19.84
N GLU B 29 26.16 -11.40 19.45
CA GLU B 29 25.94 -11.65 18.03
C GLU B 29 25.23 -10.48 17.37
N ALA B 30 24.43 -9.74 18.13
CA ALA B 30 23.76 -8.54 17.62
C ALA B 30 24.66 -7.31 17.65
N GLY B 31 25.96 -7.47 17.91
CA GLY B 31 26.86 -6.34 17.99
C GLY B 31 26.50 -5.35 19.07
N TYR B 32 25.86 -5.81 20.15
CA TYR B 32 25.42 -4.95 21.25
C TYR B 32 24.44 -3.88 20.77
N ASN B 33 23.76 -4.13 19.65
CA ASN B 33 22.78 -3.21 19.08
C ASN B 33 21.43 -3.90 19.12
N THR B 34 20.53 -3.39 19.96
CA THR B 34 19.21 -4.01 20.10
C THR B 34 18.43 -4.02 18.80
N PHE B 35 18.74 -3.11 17.86
CA PHE B 35 18.07 -3.14 16.56
C PHE B 35 18.39 -4.41 15.79
N LEU B 36 19.54 -5.03 16.06
CA LEU B 36 19.95 -6.24 15.36
C LEU B 36 19.48 -7.53 16.05
N LEU B 37 18.81 -7.42 17.19
CA LEU B 37 18.30 -8.60 17.87
C LEU B 37 17.18 -9.25 17.06
N ASN B 38 17.07 -10.57 17.19
CA ASN B 38 15.97 -11.31 16.58
C ASN B 38 14.73 -11.25 17.47
N SER B 39 13.58 -11.07 16.84
CA SER B 39 12.32 -11.06 17.60
C SER B 39 12.13 -12.36 18.38
N LYS B 40 12.51 -13.49 17.79
CA LYS B 40 12.34 -14.78 18.45
C LYS B 40 13.19 -14.92 19.71
N ASP B 41 14.16 -14.02 19.93
CA ASP B 41 15.03 -14.06 21.10
C ASP B 41 14.63 -13.07 22.18
N ILE B 42 13.51 -12.39 22.01
CA ILE B 42 13.12 -11.30 22.90
C ILE B 42 11.86 -11.69 23.67
N TYR B 43 11.91 -11.54 24.99
CA TYR B 43 10.76 -11.80 25.85
C TYR B 43 9.77 -10.65 25.79
N ILE B 44 10.23 -9.43 26.07
CA ILE B 44 9.37 -8.24 26.09
C ILE B 44 10.00 -7.22 25.14
N ASP B 45 9.33 -6.94 24.03
CA ASP B 45 9.88 -6.10 22.97
C ASP B 45 9.25 -4.71 23.07
N LEU B 46 9.99 -3.78 23.68
CA LEU B 46 9.55 -2.39 23.83
C LEU B 46 10.26 -1.47 22.85
N LEU B 47 10.62 -2.00 21.67
CA LEU B 47 11.29 -1.17 20.67
C LEU B 47 10.40 -0.04 20.18
N THR B 48 9.11 -0.33 19.95
CA THR B 48 8.17 0.69 19.51
C THR B 48 6.76 0.24 19.82
N ASP B 49 5.86 1.23 19.86
CA ASP B 49 4.43 1.00 19.94
C ASP B 49 3.76 1.04 18.57
N SER B 50 4.54 1.10 17.50
CA SER B 50 4.00 1.20 16.14
C SER B 50 3.79 -0.20 15.56
N GLY B 51 2.57 -0.50 15.14
CA GLY B 51 2.28 -1.75 14.47
C GLY B 51 2.41 -2.99 15.31
N THR B 52 2.64 -2.84 16.62
CA THR B 52 2.90 -3.96 17.51
C THR B 52 1.73 -4.25 18.44
N ASN B 53 0.58 -3.63 18.20
CA ASN B 53 -0.55 -3.76 19.11
C ASN B 53 -1.22 -5.12 18.97
N ALA B 54 -1.91 -5.53 20.02
CA ALA B 54 -2.71 -6.75 20.01
C ALA B 54 -4.14 -6.41 19.66
N MET B 55 -4.68 -7.08 18.64
CA MET B 55 -6.03 -6.83 18.19
C MET B 55 -7.04 -7.58 19.06
N SER B 56 -8.32 -7.23 18.87
CA SER B 56 -9.38 -7.85 19.64
C SER B 56 -10.00 -9.01 18.86
N ASP B 57 -10.79 -9.82 19.57
CA ASP B 57 -11.54 -10.88 18.90
C ASP B 57 -12.44 -10.30 17.80
N LYS B 58 -13.05 -9.15 18.06
CA LYS B 58 -13.91 -8.54 17.06
C LYS B 58 -13.09 -8.06 15.86
N GLN B 59 -11.88 -7.57 16.09
CA GLN B 59 -11.00 -7.21 14.99
C GLN B 59 -10.62 -8.44 14.18
N TRP B 60 -10.30 -9.54 14.87
CA TRP B 60 -9.93 -10.76 14.14
C TRP B 60 -11.13 -11.36 13.43
N ALA B 61 -12.35 -11.15 13.94
CA ALA B 61 -13.54 -11.52 13.19
C ALA B 61 -13.66 -10.71 11.91
N GLY B 62 -13.30 -9.42 11.98
CA GLY B 62 -13.23 -8.62 10.77
C GLY B 62 -12.17 -9.10 9.81
N MET B 63 -11.06 -9.63 10.34
CA MET B 63 -10.01 -10.18 9.49
C MET B 63 -10.49 -11.36 8.65
N MET B 64 -11.57 -12.03 9.06
CA MET B 64 -12.17 -13.10 8.29
C MET B 64 -13.17 -12.61 7.26
N MET B 65 -13.56 -11.33 7.31
N MET B 65 -13.54 -11.33 7.31
CA MET B 65 -14.52 -10.77 6.38
CA MET B 65 -14.53 -10.73 6.41
C MET B 65 -13.89 -9.70 5.50
C MET B 65 -13.90 -9.70 5.48
N GLY B 66 -12.67 -9.96 5.04
CA GLY B 66 -11.99 -9.04 4.14
C GLY B 66 -12.62 -9.07 2.75
N ASP B 67 -13.17 -7.94 2.32
CA ASP B 67 -13.64 -7.75 0.95
C ASP B 67 -12.44 -7.27 0.13
N GLU B 68 -11.76 -8.21 -0.53
CA GLU B 68 -10.47 -7.92 -1.14
C GLU B 68 -10.58 -7.31 -2.54
N ALA B 69 -11.78 -6.85 -2.91
CA ALA B 69 -12.00 -6.23 -4.22
C ALA B 69 -11.10 -5.01 -4.41
N TYR B 70 -10.71 -4.77 -5.66
CA TYR B 70 -9.79 -3.68 -5.95
C TYR B 70 -10.45 -2.32 -5.82
N ALA B 71 -11.76 -2.24 -6.02
CA ALA B 71 -12.49 -0.99 -5.90
C ALA B 71 -13.86 -1.27 -5.30
N GLY B 72 -14.33 -0.36 -4.44
CA GLY B 72 -15.64 -0.51 -3.84
C GLY B 72 -15.74 -1.54 -2.74
N SER B 73 -14.63 -1.88 -2.08
CA SER B 73 -14.69 -2.84 -1.00
C SER B 73 -15.59 -2.35 0.12
N GLU B 74 -16.38 -3.28 0.69
CA GLU B 74 -17.21 -2.95 1.84
C GLU B 74 -16.35 -2.51 3.03
N ASN B 75 -15.12 -3.01 3.12
CA ASN B 75 -14.24 -2.64 4.23
C ASN B 75 -13.86 -1.17 4.15
N PHE B 76 -13.67 -0.65 2.93
CA PHE B 76 -13.36 0.77 2.80
C PHE B 76 -14.52 1.64 3.27
N TYR B 77 -15.75 1.26 2.89
CA TYR B 77 -16.91 2.03 3.30
C TYR B 77 -17.06 2.01 4.81
N HIS B 78 -16.80 0.87 5.44
N HIS B 78 -16.80 0.87 5.43
CA HIS B 78 -16.83 0.81 6.90
CA HIS B 78 -16.82 0.80 6.90
C HIS B 78 -15.78 1.74 7.50
C HIS B 78 -15.78 1.73 7.50
N LEU B 79 -14.56 1.71 6.96
CA LEU B 79 -13.51 2.60 7.45
C LEU B 79 -13.87 4.06 7.21
N GLU B 80 -14.36 4.37 6.00
CA GLU B 80 -14.72 5.73 5.66
C GLU B 80 -15.80 6.26 6.59
N ARG B 81 -16.88 5.51 6.76
CA ARG B 81 -17.98 5.93 7.61
C ARG B 81 -17.53 6.11 9.06
N THR B 82 -16.62 5.26 9.53
CA THR B 82 -16.16 5.34 10.91
C THR B 82 -15.32 6.61 11.13
N VAL B 83 -14.33 6.84 10.27
CA VAL B 83 -13.48 8.02 10.41
C VAL B 83 -14.32 9.29 10.29
N GLN B 84 -15.26 9.31 9.34
CA GLN B 84 -16.14 10.47 9.20
C GLN B 84 -16.94 10.72 10.48
N GLU B 85 -17.39 9.64 11.13
CA GLU B 85 -18.20 9.80 12.34
C GLU B 85 -17.35 10.24 13.52
N LEU B 86 -16.18 9.63 13.71
CA LEU B 86 -15.38 9.87 14.90
C LEU B 86 -14.46 11.08 14.77
N PHE B 87 -13.90 11.32 13.58
CA PHE B 87 -13.03 12.47 13.38
C PHE B 87 -13.76 13.68 12.83
N GLY B 88 -14.87 13.47 12.12
CA GLY B 88 -15.65 14.57 11.60
C GLY B 88 -15.17 15.15 10.30
N PHE B 89 -14.09 14.64 9.72
CA PHE B 89 -13.61 15.13 8.45
C PHE B 89 -14.51 14.64 7.32
N LYS B 90 -14.50 15.41 6.22
CA LYS B 90 -15.41 15.14 5.12
C LYS B 90 -14.95 13.97 4.25
N HIS B 91 -13.66 13.96 3.91
CA HIS B 91 -13.12 12.95 3.00
C HIS B 91 -11.96 12.21 3.65
N ILE B 92 -11.80 10.95 3.28
CA ILE B 92 -10.72 10.10 3.81
C ILE B 92 -10.10 9.33 2.65
N VAL B 93 -8.78 9.27 2.63
CA VAL B 93 -8.02 8.46 1.69
C VAL B 93 -7.15 7.50 2.51
N PRO B 94 -7.31 6.19 2.37
CA PRO B 94 -6.48 5.27 3.14
C PRO B 94 -5.05 5.22 2.60
N THR B 95 -4.12 4.97 3.51
CA THR B 95 -2.72 4.74 3.17
C THR B 95 -2.23 3.53 3.95
N HIS B 96 -1.13 2.94 3.49
CA HIS B 96 -0.65 1.73 4.14
C HIS B 96 -0.12 1.99 5.54
N GLN B 97 0.31 3.22 5.83
CA GLN B 97 0.59 3.68 7.19
C GLN B 97 0.75 5.20 7.15
N GLY B 98 1.30 5.76 8.22
CA GLY B 98 1.26 7.21 8.41
C GLY B 98 2.13 7.98 7.43
N ARG B 99 3.35 7.50 7.17
CA ARG B 99 4.23 8.21 6.25
C ARG B 99 3.72 8.19 4.83
N GLY B 100 2.85 7.24 4.47
CA GLY B 100 2.21 7.28 3.18
C GLY B 100 1.26 8.46 3.06
N ALA B 101 0.50 8.74 4.12
CA ALA B 101 -0.37 9.91 4.13
C ALA B 101 0.45 11.20 4.15
N GLU B 102 1.59 11.20 4.86
CA GLU B 102 2.43 12.39 4.91
C GLU B 102 3.02 12.72 3.54
N ASN B 103 3.41 11.68 2.80
CA ASN B 103 3.86 11.87 1.43
C ASN B 103 2.80 12.60 0.60
N LEU B 104 1.54 12.19 0.73
CA LEU B 104 0.47 12.81 -0.03
C LEU B 104 0.23 14.24 0.40
N LEU B 105 0.11 14.47 1.72
CA LEU B 105 -0.21 15.81 2.21
C LEU B 105 0.87 16.81 1.85
N SER B 106 2.14 16.43 1.98
CA SER B 106 3.23 17.36 1.68
C SER B 106 3.26 17.73 0.22
N GLN B 107 2.88 16.81 -0.67
CA GLN B 107 2.83 17.14 -2.09
C GLN B 107 1.61 17.98 -2.45
N LEU B 108 0.55 17.90 -1.65
CA LEU B 108 -0.70 18.58 -1.98
C LEU B 108 -0.80 19.98 -1.39
N ALA B 109 -0.17 20.23 -0.25
CA ALA B 109 -0.39 21.46 0.50
C ALA B 109 0.86 22.30 0.69
N ILE B 110 1.96 21.96 0.04
CA ILE B 110 3.23 22.67 0.21
C ILE B 110 3.68 23.18 -1.15
N LYS B 111 3.86 24.50 -1.26
CA LYS B 111 4.50 25.12 -2.40
C LYS B 111 5.99 25.31 -2.12
N PRO B 112 6.85 25.08 -3.11
CA PRO B 112 8.30 25.20 -2.89
C PRO B 112 8.68 26.59 -2.38
N GLY B 113 9.33 26.62 -1.22
CA GLY B 113 9.74 27.84 -0.58
C GLY B 113 8.92 28.22 0.64
N GLN B 114 7.73 27.63 0.80
CA GLN B 114 6.88 27.97 1.92
C GLN B 114 7.42 27.39 3.22
N TYR B 115 6.77 27.74 4.32
CA TYR B 115 7.12 27.27 5.65
C TYR B 115 6.07 26.30 6.16
N VAL B 116 6.51 25.37 6.99
CA VAL B 116 5.62 24.50 7.75
C VAL B 116 6.05 24.56 9.20
N ALA B 117 5.16 25.05 10.07
CA ALA B 117 5.45 25.20 11.48
C ALA B 117 4.57 24.24 12.29
N GLY B 118 5.11 23.77 13.41
CA GLY B 118 4.37 22.85 14.24
C GLY B 118 5.08 22.61 15.56
N ASN B 119 4.35 21.98 16.48
CA ASN B 119 4.91 21.67 17.79
C ASN B 119 5.96 20.57 17.66
N MET B 120 7.22 20.96 17.47
CA MET B 120 8.31 20.05 17.17
C MET B 120 8.00 19.20 15.94
N TYR B 121 8.70 18.08 15.78
CA TYR B 121 8.62 17.36 14.52
C TYR B 121 8.84 15.86 14.75
N PHE B 122 8.46 15.09 13.75
CA PHE B 122 8.81 13.68 13.63
C PHE B 122 9.67 13.51 12.38
N THR B 123 10.44 12.42 12.35
CA THR B 123 11.44 12.23 11.30
C THR B 123 10.78 12.16 9.92
N THR B 124 9.84 11.24 9.73
CA THR B 124 9.21 11.08 8.42
C THR B 124 8.35 12.29 8.07
N THR B 125 7.63 12.83 9.04
CA THR B 125 6.78 13.99 8.78
C THR B 125 7.60 15.17 8.27
N ARG B 126 8.68 15.50 8.98
CA ARG B 126 9.53 16.62 8.58
C ARG B 126 10.23 16.35 7.26
N TYR B 127 10.60 15.10 6.98
CA TYR B 127 11.29 14.78 5.73
C TYR B 127 10.43 15.12 4.52
N HIS B 128 9.17 14.66 4.52
CA HIS B 128 8.31 14.92 3.37
C HIS B 128 8.00 16.40 3.22
N GLN B 129 7.98 17.15 4.32
CA GLN B 129 7.83 18.59 4.21
C GLN B 129 9.05 19.22 3.55
N GLU B 130 10.25 18.88 4.04
CA GLU B 130 11.47 19.42 3.44
C GLU B 130 11.74 18.84 2.06
N LYS B 131 11.31 17.59 1.83
CA LYS B 131 11.45 16.99 0.50
C LYS B 131 10.69 17.80 -0.55
N ASN B 132 9.54 18.38 -0.18
CA ASN B 132 8.75 19.19 -1.07
C ASN B 132 9.09 20.68 -0.98
N GLY B 133 10.30 21.02 -0.56
CA GLY B 133 10.76 22.38 -0.60
C GLY B 133 10.22 23.30 0.48
N ALA B 134 9.94 22.77 1.67
CA ALA B 134 9.47 23.56 2.79
C ALA B 134 10.56 23.72 3.83
N VAL B 135 10.48 24.81 4.60
CA VAL B 135 11.37 25.07 5.72
C VAL B 135 10.58 24.85 7.00
N PHE B 136 11.12 24.03 7.90
CA PHE B 136 10.43 23.71 9.15
C PHE B 136 10.75 24.74 10.21
N VAL B 137 9.70 25.15 10.94
CA VAL B 137 9.83 26.09 12.05
C VAL B 137 9.20 25.44 13.28
N ASP B 138 9.95 25.43 14.39
CA ASP B 138 9.44 24.87 15.64
C ASP B 138 8.77 25.99 16.43
N ILE B 139 7.44 25.92 16.54
CA ILE B 139 6.68 26.91 17.29
C ILE B 139 6.14 26.32 18.58
N VAL B 140 6.75 25.24 19.09
CA VAL B 140 6.32 24.70 20.37
C VAL B 140 6.76 25.62 21.50
N ARG B 141 6.09 25.47 22.64
CA ARG B 141 6.44 26.24 23.83
C ARG B 141 7.83 25.85 24.33
N ASP B 142 8.52 26.83 24.90
CA ASP B 142 9.90 26.59 25.35
C ASP B 142 9.97 25.49 26.41
N GLU B 143 8.93 25.34 27.22
CA GLU B 143 8.93 24.34 28.29
C GLU B 143 9.04 22.92 27.74
N ALA B 144 8.76 22.72 26.46
CA ALA B 144 8.83 21.38 25.87
C ALA B 144 10.26 20.86 25.81
N HIS B 145 11.25 21.74 25.77
CA HIS B 145 12.65 21.34 25.69
C HIS B 145 13.31 21.12 27.04
N ASP B 146 12.56 21.28 28.13
CA ASP B 146 13.05 20.97 29.48
C ASP B 146 12.56 19.57 29.83
N ALA B 147 13.44 18.59 29.66
CA ALA B 147 13.04 17.18 29.79
C ALA B 147 12.64 16.83 31.22
N GLY B 148 13.15 17.56 32.20
CA GLY B 148 12.81 17.29 33.58
C GLY B 148 11.68 18.11 34.15
N LEU B 149 11.19 19.09 33.38
CA LEU B 149 10.12 19.96 33.85
C LEU B 149 8.80 19.19 33.80
N ASN B 150 8.21 18.94 34.97
CA ASN B 150 6.99 18.15 35.08
C ASN B 150 5.81 19.10 35.12
N ILE B 151 5.33 19.48 33.93
CA ILE B 151 4.12 20.29 33.79
C ILE B 151 3.19 19.62 32.78
N ALA B 152 1.94 20.06 32.79
CA ALA B 152 0.93 19.47 31.92
C ALA B 152 0.96 20.12 30.55
N PHE B 153 0.64 19.32 29.54
CA PHE B 153 0.47 19.78 28.16
C PHE B 153 1.70 20.52 27.65
N LYS B 154 2.84 19.82 27.70
CA LYS B 154 4.09 20.40 27.18
C LYS B 154 4.11 20.48 25.66
N GLY B 155 3.17 19.85 24.98
CA GLY B 155 3.12 19.89 23.54
C GLY B 155 2.40 21.09 22.95
N ASP B 156 1.86 21.97 23.79
CA ASP B 156 1.13 23.13 23.30
C ASP B 156 2.02 24.03 22.45
N ILE B 157 1.43 24.59 21.41
CA ILE B 157 2.14 25.52 20.54
C ILE B 157 2.20 26.89 21.21
N ASP B 158 3.34 27.54 21.11
CA ASP B 158 3.51 28.91 21.59
C ASP B 158 2.84 29.86 20.60
N LEU B 159 1.68 30.42 20.99
CA LEU B 159 0.95 31.30 20.09
C LEU B 159 1.76 32.52 19.70
N LYS B 160 2.68 32.96 20.56
CA LYS B 160 3.52 34.10 20.22
C LYS B 160 4.50 33.74 19.11
N LYS B 161 5.07 32.54 19.16
CA LYS B 161 5.98 32.11 18.09
C LYS B 161 5.24 32.01 16.76
N LEU B 162 4.01 31.50 16.78
CA LEU B 162 3.20 31.47 15.57
C LEU B 162 2.87 32.88 15.09
N GLN B 163 2.42 33.75 16.01
CA GLN B 163 2.16 35.14 15.67
C GLN B 163 3.41 35.80 15.10
N LYS B 164 4.57 35.53 15.69
CA LYS B 164 5.81 36.11 15.20
C LYS B 164 6.18 35.58 13.82
N LEU B 165 5.87 34.30 13.55
CA LEU B 165 6.14 33.74 12.23
C LEU B 165 5.24 34.38 11.17
N ILE B 166 3.98 34.64 11.51
CA ILE B 166 3.08 35.30 10.56
C ILE B 166 3.51 36.74 10.31
N ASP B 167 4.18 37.36 11.28
CA ASP B 167 4.63 38.75 11.10
C ASP B 167 5.91 38.80 10.28
N GLU B 168 6.93 38.02 10.66
CA GLU B 168 8.22 38.08 9.98
C GLU B 168 8.14 37.47 8.59
N LYS B 169 7.44 36.35 8.45
CA LYS B 169 7.21 35.71 7.16
C LYS B 169 5.77 35.91 6.75
N GLY B 170 5.54 36.12 5.46
CA GLY B 170 4.18 36.37 4.99
C GLY B 170 3.28 35.18 5.26
N ALA B 171 2.01 35.47 5.55
CA ALA B 171 1.04 34.39 5.75
C ALA B 171 0.85 33.59 4.46
N GLU B 172 1.01 34.24 3.30
CA GLU B 172 0.98 33.56 2.02
C GLU B 172 2.18 32.64 1.81
N ASN B 173 3.22 32.77 2.63
CA ASN B 173 4.40 31.93 2.55
C ASN B 173 4.40 30.81 3.60
N ILE B 174 3.27 30.59 4.26
CA ILE B 174 3.13 29.54 5.26
C ILE B 174 2.22 28.47 4.67
N ALA B 175 2.77 27.29 4.42
CA ALA B 175 1.98 26.19 3.86
C ALA B 175 0.85 25.81 4.81
N TYR B 176 1.20 25.31 5.99
CA TYR B 176 0.22 24.97 7.00
C TYR B 176 0.91 24.82 8.34
N ILE B 177 0.12 24.72 9.40
CA ILE B 177 0.61 24.42 10.74
C ILE B 177 0.38 22.93 10.99
N CYS B 178 1.46 22.22 11.35
CA CYS B 178 1.39 20.78 11.60
C CYS B 178 1.34 20.57 13.11
N LEU B 179 0.12 20.49 13.65
CA LEU B 179 -0.08 20.25 15.07
C LEU B 179 -0.11 18.74 15.32
N ALA B 180 0.84 18.26 16.12
CA ALA B 180 0.97 16.83 16.41
C ALA B 180 0.37 16.51 17.77
N VAL B 181 -0.40 15.43 17.84
CA VAL B 181 -1.01 14.96 19.07
C VAL B 181 -0.84 13.44 19.10
N THR B 182 -0.05 12.93 20.04
CA THR B 182 0.75 13.75 20.95
C THR B 182 2.06 14.16 20.30
N VAL B 183 2.97 14.75 21.08
CA VAL B 183 4.26 15.19 20.58
C VAL B 183 5.29 14.13 20.96
N ASN B 184 5.67 13.31 19.97
CA ASN B 184 6.59 12.21 20.22
C ASN B 184 7.93 12.70 20.73
N LEU B 185 8.47 13.76 20.12
CA LEU B 185 9.84 14.17 20.43
C LEU B 185 9.97 14.69 21.85
N ALA B 186 8.90 15.20 22.45
CA ALA B 186 8.93 15.66 23.83
C ALA B 186 8.74 14.54 24.84
N GLY B 187 8.62 13.29 24.39
CA GLY B 187 8.33 12.18 25.26
C GLY B 187 6.90 11.69 25.22
N GLY B 188 6.10 12.15 24.26
CA GLY B 188 4.69 11.79 24.19
C GLY B 188 3.82 12.74 24.98
N GLN B 189 4.12 14.04 24.90
CA GLN B 189 3.40 15.03 25.69
C GLN B 189 2.15 15.50 24.94
N PRO B 190 1.04 15.72 25.66
CA PRO B 190 -0.22 16.05 25.01
C PRO B 190 -0.35 17.54 24.71
N VAL B 191 -1.35 17.85 23.89
CA VAL B 191 -1.73 19.21 23.55
C VAL B 191 -3.12 19.47 24.10
N SER B 192 -3.29 20.61 24.77
CA SER B 192 -4.58 20.94 25.35
C SER B 192 -5.58 21.32 24.27
N MET B 193 -6.87 21.16 24.59
CA MET B 193 -7.91 21.59 23.66
C MET B 193 -7.94 23.09 23.52
N ALA B 194 -7.66 23.82 24.62
CA ALA B 194 -7.59 25.27 24.55
C ALA B 194 -6.49 25.73 23.59
N ASN B 195 -5.40 24.98 23.51
CA ASN B 195 -4.33 25.33 22.58
C ASN B 195 -4.76 25.09 21.14
N MET B 196 -5.46 23.99 20.89
CA MET B 196 -5.92 23.70 19.53
C MET B 196 -6.94 24.74 19.07
N ARG B 197 -7.79 25.20 19.97
CA ARG B 197 -8.76 26.22 19.62
C ARG B 197 -8.10 27.56 19.33
N ALA B 198 -7.03 27.88 20.08
CA ALA B 198 -6.33 29.14 19.86
C ALA B 198 -5.54 29.11 18.57
N VAL B 199 -4.94 27.96 18.23
CA VAL B 199 -4.23 27.84 16.96
C VAL B 199 -5.21 27.93 15.80
N ARG B 200 -6.35 27.26 15.91
CA ARG B 200 -7.37 27.35 14.86
C ARG B 200 -7.90 28.76 14.74
N GLU B 201 -8.06 29.47 15.86
CA GLU B 201 -8.58 30.83 15.83
C GLU B 201 -7.58 31.79 15.17
N LEU B 202 -6.29 31.63 15.48
CA LEU B 202 -5.30 32.54 14.92
C LEU B 202 -5.05 32.27 13.45
N THR B 203 -4.97 30.98 13.06
CA THR B 203 -4.70 30.65 11.67
C THR B 203 -5.88 31.01 10.77
N ALA B 204 -7.10 30.74 11.24
CA ALA B 204 -8.29 31.03 10.42
C ALA B 204 -8.40 32.50 10.09
N ALA B 205 -7.86 33.39 10.95
CA ALA B 205 -7.87 34.81 10.67
C ALA B 205 -6.94 35.18 9.52
N HIS B 206 -5.94 34.37 9.23
CA HIS B 206 -5.00 34.62 8.14
C HIS B 206 -5.17 33.65 6.98
N GLY B 207 -6.23 32.85 6.99
CA GLY B 207 -6.45 31.89 5.91
C GLY B 207 -5.42 30.80 5.84
N ILE B 208 -4.81 30.44 6.96
CA ILE B 208 -3.75 29.45 7.01
C ILE B 208 -4.35 28.09 7.36
N LYS B 209 -3.99 27.07 6.59
CA LYS B 209 -4.48 25.72 6.82
C LYS B 209 -3.81 25.11 8.05
N VAL B 210 -4.51 24.16 8.68
CA VAL B 210 -4.00 23.43 9.83
C VAL B 210 -4.30 21.94 9.62
N PHE B 211 -3.26 21.11 9.66
CA PHE B 211 -3.39 19.67 9.54
C PHE B 211 -2.75 19.00 10.76
N TYR B 212 -3.42 17.98 11.29
CA TYR B 212 -2.96 17.31 12.50
C TYR B 212 -2.13 16.08 12.18
N ASP B 213 -1.09 15.87 12.98
CA ASP B 213 -0.40 14.58 13.04
C ASP B 213 -1.04 13.82 14.17
N ALA B 214 -2.03 13.00 13.85
CA ALA B 214 -2.97 12.48 14.83
C ALA B 214 -2.65 11.07 15.30
N THR B 215 -1.42 10.59 15.05
CA THR B 215 -1.12 9.17 15.28
C THR B 215 -1.46 8.73 16.70
N ARG B 216 -1.23 9.58 17.69
CA ARG B 216 -1.57 9.29 19.07
C ARG B 216 -2.61 10.27 19.59
N CYS B 217 -3.64 10.54 18.78
CA CYS B 217 -4.67 11.50 19.18
C CYS B 217 -5.59 10.93 20.26
N VAL B 218 -5.74 9.60 20.32
CA VAL B 218 -6.58 9.02 21.36
C VAL B 218 -5.89 9.12 22.71
N GLU B 219 -4.59 8.81 22.76
CA GLU B 219 -3.82 9.09 23.98
C GLU B 219 -3.91 10.55 24.36
N ASN B 220 -3.81 11.44 23.38
CA ASN B 220 -3.93 12.87 23.65
C ASN B 220 -5.29 13.20 24.26
N ALA B 221 -6.36 12.60 23.73
CA ALA B 221 -7.70 12.89 24.21
C ALA B 221 -7.87 12.47 25.67
N TYR B 222 -7.21 11.38 26.08
CA TYR B 222 -7.32 10.98 27.48
C TYR B 222 -6.69 12.01 28.41
N PHE B 223 -5.55 12.57 28.01
CA PHE B 223 -4.92 13.59 28.84
C PHE B 223 -5.83 14.81 29.00
N ILE B 224 -6.56 15.17 27.94
CA ILE B 224 -7.52 16.26 28.03
C ILE B 224 -8.61 15.92 29.04
N LYS B 225 -9.17 14.71 28.94
CA LYS B 225 -10.22 14.30 29.86
C LYS B 225 -9.72 14.24 31.30
N GLU B 226 -8.45 13.87 31.50
CA GLU B 226 -7.94 13.68 32.86
C GLU B 226 -7.50 14.99 33.49
N GLN B 227 -6.76 15.82 32.74
CA GLN B 227 -6.06 16.95 33.34
C GLN B 227 -6.60 18.32 32.96
N GLU B 228 -7.32 18.44 31.84
CA GLU B 228 -7.85 19.74 31.40
C GLU B 228 -9.23 19.94 32.00
N GLN B 229 -9.37 20.98 32.82
CA GLN B 229 -10.63 21.23 33.50
C GLN B 229 -11.72 21.60 32.50
N GLY B 230 -12.92 21.05 32.72
CA GLY B 230 -14.05 21.27 31.84
C GLY B 230 -14.37 20.10 30.95
N PHE B 231 -13.48 19.11 30.84
CA PHE B 231 -13.72 17.93 30.02
C PHE B 231 -13.95 16.68 30.85
N GLU B 232 -14.13 16.83 32.17
CA GLU B 232 -14.34 15.67 33.03
C GLU B 232 -15.67 14.96 32.74
N ASN B 233 -16.63 15.65 32.14
CA ASN B 233 -17.93 15.06 31.81
C ASN B 233 -18.05 14.65 30.35
N LYS B 234 -17.00 14.82 29.56
CA LYS B 234 -17.04 14.52 28.13
C LYS B 234 -16.35 13.19 27.85
N SER B 235 -16.97 12.40 26.97
CA SER B 235 -16.39 11.10 26.63
C SER B 235 -15.16 11.28 25.73
N ILE B 236 -14.41 10.20 25.57
CA ILE B 236 -13.24 10.23 24.71
C ILE B 236 -13.63 10.60 23.29
N ALA B 237 -14.71 9.99 22.77
CA ALA B 237 -15.14 10.25 21.41
C ALA B 237 -15.57 11.70 21.21
N GLU B 238 -16.23 12.29 22.22
CA GLU B 238 -16.59 13.70 22.13
C GLU B 238 -15.34 14.58 22.09
N ILE B 239 -14.33 14.22 22.86
CA ILE B 239 -13.09 15.00 22.88
C ILE B 239 -12.35 14.84 21.55
N VAL B 240 -12.27 13.61 21.03
CA VAL B 240 -11.61 13.38 19.75
C VAL B 240 -12.29 14.18 18.65
N HIS B 241 -13.63 14.16 18.63
CA HIS B 241 -14.36 14.85 17.58
C HIS B 241 -14.17 16.36 17.66
N GLU B 242 -14.11 16.91 18.87
CA GLU B 242 -13.90 18.34 19.03
C GLU B 242 -12.47 18.71 18.65
N MET B 243 -11.50 17.86 18.98
CA MET B 243 -10.11 18.11 18.63
C MET B 243 -9.96 18.39 17.14
N PHE B 244 -10.42 17.44 16.31
CA PHE B 244 -10.30 17.57 14.86
C PHE B 244 -11.22 18.63 14.28
N SER B 245 -12.17 19.17 15.05
CA SER B 245 -12.97 20.28 14.56
C SER B 245 -12.16 21.56 14.40
N TYR B 246 -10.92 21.58 14.93
CA TYR B 246 -10.03 22.71 14.81
C TYR B 246 -8.94 22.48 13.76
N ALA B 247 -9.18 21.57 12.82
CA ALA B 247 -8.19 21.25 11.80
C ALA B 247 -8.88 21.08 10.45
N ASP B 248 -8.14 21.37 9.39
CA ASP B 248 -8.60 21.17 8.02
C ASP B 248 -8.32 19.77 7.50
N GLY B 249 -7.64 18.94 8.28
CA GLY B 249 -7.35 17.59 7.88
C GLY B 249 -6.42 16.94 8.89
N CYS B 250 -5.91 15.76 8.51
CA CYS B 250 -4.94 15.09 9.35
C CYS B 250 -4.25 14.00 8.54
N THR B 251 -3.08 13.59 9.05
CA THR B 251 -2.43 12.34 8.64
C THR B 251 -2.43 11.42 9.86
N MET B 252 -2.79 10.16 9.64
CA MET B 252 -2.98 9.23 10.74
C MET B 252 -2.20 7.95 10.49
N SER B 253 -1.42 7.55 11.48
CA SER B 253 -0.81 6.23 11.50
C SER B 253 -1.71 5.33 12.35
N GLY B 254 -2.50 4.49 11.70
CA GLY B 254 -3.33 3.54 12.41
C GLY B 254 -2.53 2.57 13.27
N LYS B 255 -1.27 2.33 12.92
CA LYS B 255 -0.39 1.42 13.64
C LYS B 255 -0.19 1.83 15.11
N1 LLP B 256 4.23 10.81 13.26
C2 LLP B 256 4.27 10.32 14.50
C2' LLP B 256 4.02 11.26 15.71
C3 LLP B 256 4.54 8.93 14.72
O3 LLP B 256 4.58 8.44 16.03
C4 LLP B 256 4.77 8.10 13.65
C4' LLP B 256 5.07 6.54 13.94
C5 LLP B 256 4.73 8.59 12.39
C6 LLP B 256 4.46 9.96 12.17
C5' LLP B 256 4.98 7.67 11.15
OP4 LLP B 256 3.85 6.88 10.91
P LLP B 256 4.06 5.49 10.28
OP1 LLP B 256 4.51 5.65 8.82
OP2 LLP B 256 5.11 4.76 11.04
OP3 LLP B 256 2.78 4.73 10.34
N LLP B 256 -0.60 3.05 15.42
CA LLP B 256 -0.53 3.54 16.80
CB LLP B 256 -0.05 4.97 16.82
CG LLP B 256 1.49 4.99 16.89
CD LLP B 256 2.09 4.86 15.48
CE LLP B 256 3.52 5.45 15.42
NZ LLP B 256 3.84 5.79 14.03
C LLP B 256 -1.88 3.40 17.44
O LLP B 256 -2.23 2.30 17.85
N ASP B 257 -2.66 4.47 17.50
CA ASP B 257 -3.86 4.48 18.31
C ASP B 257 -5.07 3.75 17.72
N CYS B 258 -4.99 3.30 16.47
CA CYS B 258 -6.08 2.53 15.89
C CYS B 258 -5.96 1.03 16.18
N LEU B 259 -5.00 0.62 17.00
CA LEU B 259 -4.93 -0.74 17.53
C LEU B 259 -4.77 -1.79 16.42
N VAL B 260 -3.90 -1.50 15.45
CA VAL B 260 -3.66 -2.42 14.34
C VAL B 260 -2.16 -2.58 14.14
N ASN B 261 -1.80 -3.56 13.32
CA ASN B 261 -0.42 -3.85 13.00
C ASN B 261 0.04 -3.22 11.70
N ILE B 262 -0.88 -2.61 10.94
CA ILE B 262 -0.57 -1.93 9.69
C ILE B 262 -1.75 -1.02 9.38
N GLY B 263 -1.49 0.06 8.64
CA GLY B 263 -2.57 0.91 8.20
C GLY B 263 -2.47 2.37 8.57
N GLY B 264 -3.05 3.21 7.72
CA GLY B 264 -3.16 4.64 8.00
C GLY B 264 -4.17 5.25 7.07
N PHE B 265 -4.28 6.58 7.14
CA PHE B 265 -5.16 7.29 6.21
C PHE B 265 -4.86 8.78 6.25
N LEU B 266 -5.42 9.50 5.27
CA LEU B 266 -5.30 10.93 5.13
C LEU B 266 -6.69 11.54 5.07
N CYS B 267 -6.93 12.55 5.90
CA CYS B 267 -8.23 13.22 5.96
C CYS B 267 -8.10 14.68 5.56
N MET B 268 -9.18 15.22 5.01
N MET B 268 -9.19 15.23 5.04
CA MET B 268 -9.28 16.63 4.71
CA MET B 268 -9.28 16.64 4.69
C MET B 268 -10.75 16.96 4.48
C MET B 268 -10.74 16.96 4.43
N ASN B 269 -11.05 18.26 4.48
CA ASN B 269 -12.40 18.74 4.23
C ASN B 269 -12.56 19.39 2.86
N ASP B 270 -11.49 19.91 2.28
CA ASP B 270 -11.57 20.58 1.00
C ASP B 270 -11.82 19.57 -0.12
N ASP B 271 -12.88 19.82 -0.91
CA ASP B 271 -13.22 18.91 -1.99
C ASP B 271 -12.15 18.87 -3.06
N GLU B 272 -11.59 20.05 -3.41
CA GLU B 272 -10.60 20.12 -4.46
C GLU B 272 -9.31 19.38 -4.08
N MET B 273 -8.84 19.57 -2.85
CA MET B 273 -7.67 18.83 -2.40
C MET B 273 -7.93 17.33 -2.36
N PHE B 274 -9.17 16.94 -2.03
CA PHE B 274 -9.52 15.52 -2.02
C PHE B 274 -9.45 14.94 -3.43
N SER B 275 -9.85 15.72 -4.44
CA SER B 275 -9.72 15.26 -5.81
C SER B 275 -8.27 15.04 -6.18
N SER B 276 -7.39 15.98 -5.80
CA SER B 276 -5.97 15.82 -6.08
C SER B 276 -5.37 14.69 -5.25
N ALA B 277 -5.89 14.47 -4.03
CA ALA B 277 -5.42 13.37 -3.22
C ALA B 277 -5.72 12.02 -3.87
N LYS B 278 -6.89 11.89 -4.49
CA LYS B 278 -7.26 10.65 -5.14
C LYS B 278 -6.42 10.40 -6.39
N GLU B 279 -5.98 11.46 -7.07
CA GLU B 279 -5.11 11.28 -8.23
C GLU B 279 -3.71 10.86 -7.79
N LEU B 280 -3.28 11.27 -6.60
CA LEU B 280 -1.92 11.02 -6.15
C LEU B 280 -1.79 9.70 -5.39
N VAL B 281 -2.84 9.28 -4.69
CA VAL B 281 -2.77 8.04 -3.92
C VAL B 281 -2.52 6.85 -4.83
N VAL B 282 -3.00 6.91 -6.08
CA VAL B 282 -2.78 5.82 -7.02
C VAL B 282 -1.30 5.67 -7.35
N VAL B 283 -0.56 6.77 -7.33
CA VAL B 283 0.85 6.73 -7.68
C VAL B 283 1.65 5.94 -6.65
N TYR B 284 1.37 6.14 -5.37
CA TYR B 284 2.23 5.61 -4.30
C TYR B 284 1.60 4.51 -3.47
N GLU B 285 0.30 4.56 -3.23
CA GLU B 285 -0.37 3.63 -2.32
C GLU B 285 -1.29 2.66 -3.05
N GLY B 286 -2.26 3.17 -3.79
CA GLY B 286 -3.25 2.34 -4.44
C GLY B 286 -4.52 3.14 -4.69
N MET B 287 -5.60 2.41 -4.94
CA MET B 287 -6.87 3.06 -5.21
C MET B 287 -7.36 3.82 -3.98
N PRO B 288 -8.16 4.87 -4.18
CA PRO B 288 -8.84 5.51 -3.04
C PRO B 288 -9.70 4.53 -2.25
N SER B 289 -9.96 3.33 -2.76
CA SER B 289 -10.80 2.33 -2.12
C SER B 289 -10.00 1.30 -1.33
N TYR B 290 -8.67 1.35 -1.34
CA TYR B 290 -7.90 0.48 -0.46
C TYR B 290 -6.58 1.13 -0.05
N GLY B 291 -6.01 1.96 -0.93
CA GLY B 291 -4.84 2.75 -0.61
C GLY B 291 -3.66 2.00 -0.01
N GLY B 292 -3.25 0.91 -0.62
CA GLY B 292 -2.13 0.14 -0.12
C GLY B 292 -2.44 -0.80 1.02
N LEU B 293 -3.72 -1.12 1.24
CA LEU B 293 -4.13 -1.97 2.33
C LEU B 293 -5.03 -3.09 1.81
N ALA B 294 -4.84 -4.28 2.35
CA ALA B 294 -5.83 -5.35 2.13
C ALA B 294 -7.16 -4.92 2.72
N GLY B 295 -8.25 -5.48 2.16
CA GLY B 295 -9.57 -5.16 2.68
C GLY B 295 -9.70 -5.49 4.16
N ARG B 296 -9.17 -6.65 4.56
CA ARG B 296 -9.25 -7.06 5.96
C ARG B 296 -8.61 -6.06 6.90
N ASP B 297 -7.57 -5.36 6.43
CA ASP B 297 -6.87 -4.42 7.29
C ASP B 297 -7.61 -3.08 7.41
N MET B 298 -8.29 -2.65 6.35
CA MET B 298 -9.21 -1.52 6.50
C MET B 298 -10.31 -1.84 7.50
N GLU B 299 -10.79 -3.07 7.50
CA GLU B 299 -11.82 -3.49 8.46
C GLU B 299 -11.26 -3.50 9.87
N ALA B 300 -10.07 -4.06 10.06
CA ALA B 300 -9.44 -4.08 11.38
C ALA B 300 -9.22 -2.67 11.90
N MET B 301 -8.73 -1.78 11.05
CA MET B 301 -8.48 -0.40 11.48
C MET B 301 -9.77 0.32 11.80
N ALA B 302 -10.83 0.06 11.03
CA ALA B 302 -12.13 0.65 11.33
C ALA B 302 -12.65 0.18 12.68
N ILE B 303 -12.52 -1.12 12.96
CA ILE B 303 -12.98 -1.66 14.24
C ILE B 303 -12.08 -1.14 15.37
N GLY B 304 -10.76 -1.12 15.14
CA GLY B 304 -9.84 -0.72 16.20
C GLY B 304 -9.98 0.73 16.60
N LEU B 305 -10.23 1.61 15.62
CA LEU B 305 -10.39 3.03 15.94
C LEU B 305 -11.60 3.26 16.84
N ARG B 306 -12.68 2.51 16.60
CA ARG B 306 -13.86 2.64 17.44
C ARG B 306 -13.60 2.07 18.84
N GLU B 307 -12.82 0.98 18.92
CA GLU B 307 -12.47 0.42 20.23
C GLU B 307 -11.59 1.35 21.03
N ALA B 308 -10.79 2.18 20.35
CA ALA B 308 -9.93 3.13 21.06
C ALA B 308 -10.74 4.17 21.83
N MET B 309 -12.00 4.39 21.45
CA MET B 309 -12.83 5.38 22.12
C MET B 309 -13.29 4.93 23.50
N GLN B 310 -13.12 3.65 23.86
CA GLN B 310 -13.58 3.18 25.17
C GLN B 310 -12.69 3.77 26.26
N TYR B 311 -13.32 4.51 27.19
CA TYR B 311 -12.56 5.19 28.24
C TYR B 311 -11.69 4.23 29.02
N GLU B 312 -12.24 3.08 29.41
CA GLU B 312 -11.50 2.13 30.24
C GLU B 312 -10.25 1.62 29.52
N TYR B 313 -10.35 1.36 28.21
CA TYR B 313 -9.18 0.92 27.47
C TYR B 313 -8.08 1.97 27.51
N ILE B 314 -8.40 3.22 27.15
CA ILE B 314 -7.35 4.22 26.99
C ILE B 314 -6.84 4.68 28.35
N GLU B 315 -7.69 4.68 29.38
CA GLU B 315 -7.21 4.95 30.73
C GLU B 315 -6.17 3.92 31.16
N HIS B 316 -6.44 2.64 30.88
CA HIS B 316 -5.48 1.60 31.25
C HIS B 316 -4.20 1.70 30.44
N ARG B 317 -4.32 2.02 29.15
CA ARG B 317 -3.14 2.18 28.29
C ARG B 317 -2.21 3.23 28.86
N VAL B 318 -2.74 4.42 29.16
CA VAL B 318 -1.89 5.51 29.65
C VAL B 318 -1.38 5.21 31.05
N LYS B 319 -2.23 4.66 31.91
CA LYS B 319 -1.81 4.39 33.29
C LYS B 319 -0.88 3.19 33.40
N GLN B 320 -0.90 2.27 32.43
CA GLN B 320 0.10 1.20 32.42
C GLN B 320 1.49 1.76 32.15
N VAL B 321 1.60 2.66 31.18
CA VAL B 321 2.87 3.36 30.95
C VAL B 321 3.26 4.16 32.19
N ARG B 322 2.28 4.86 32.77
CA ARG B 322 2.55 5.67 33.97
C ARG B 322 3.01 4.80 35.12
N TYR B 323 2.49 3.57 35.23
CA TYR B 323 2.94 2.67 36.28
C TYR B 323 4.42 2.36 36.13
N LEU B 324 4.88 2.12 34.90
CA LEU B 324 6.30 1.87 34.68
C LEU B 324 7.14 3.09 35.07
N GLY B 325 6.73 4.27 34.62
CA GLY B 325 7.47 5.47 34.96
C GLY B 325 7.44 5.78 36.45
N ASP B 326 6.28 5.58 37.09
CA ASP B 326 6.18 5.85 38.52
C ASP B 326 7.07 4.92 39.33
N LYS B 327 7.10 3.63 38.96
CA LYS B 327 7.93 2.69 39.70
C LYS B 327 9.42 3.01 39.54
N LEU B 328 9.82 3.42 38.33
CA LEU B 328 11.21 3.81 38.10
C LEU B 328 11.56 5.08 38.88
N LYS B 329 10.65 6.07 38.85
CA LYS B 329 10.90 7.32 39.55
C LYS B 329 11.02 7.11 41.06
N ALA B 330 10.19 6.21 41.60
CA ALA B 330 10.18 5.97 43.05
C ALA B 330 11.47 5.31 43.54
N ALA B 331 12.23 4.67 42.66
CA ALA B 331 13.49 4.04 43.03
C ALA B 331 14.71 4.90 42.74
N GLY B 332 14.52 6.11 42.22
CA GLY B 332 15.62 6.98 41.89
C GLY B 332 16.12 6.89 40.46
N VAL B 333 15.49 6.09 39.61
CA VAL B 333 15.93 5.99 38.22
C VAL B 333 15.57 7.28 37.49
N PRO B 334 16.52 7.91 36.80
CA PRO B 334 16.21 9.19 36.12
C PRO B 334 15.47 8.97 34.81
N ILE B 335 14.31 9.62 34.69
CA ILE B 335 13.48 9.50 33.50
C ILE B 335 13.07 10.89 33.04
N VAL B 336 12.73 10.99 31.75
CA VAL B 336 12.11 12.20 31.22
C VAL B 336 10.74 12.36 31.85
N GLU B 337 10.41 13.59 32.26
CA GLU B 337 9.16 13.84 32.93
C GLU B 337 8.40 14.97 32.25
N PRO B 338 7.05 14.94 32.28
CA PRO B 338 6.29 13.80 32.82
C PRO B 338 6.28 12.63 31.85
N VAL B 339 5.83 11.47 32.33
CA VAL B 339 5.73 10.30 31.47
C VAL B 339 4.70 10.58 30.38
N GLY B 340 5.05 10.22 29.15
CA GLY B 340 4.15 10.38 28.03
C GLY B 340 3.10 9.29 27.98
N GLY B 341 2.27 9.37 26.93
CA GLY B 341 1.17 8.42 26.80
C GLY B 341 1.56 7.06 26.29
N HIS B 342 2.75 6.91 25.71
CA HIS B 342 3.11 5.66 25.04
C HIS B 342 4.46 5.08 25.46
N ALA B 343 5.35 5.85 26.10
CA ALA B 343 6.68 5.34 26.39
C ALA B 343 7.24 6.03 27.62
N VAL B 344 8.18 5.33 28.27
CA VAL B 344 9.02 5.88 29.33
C VAL B 344 10.42 6.04 28.78
N PHE B 345 11.01 7.22 28.96
CA PHE B 345 12.35 7.53 28.48
C PHE B 345 13.32 7.57 29.66
N LEU B 346 14.31 6.68 29.65
CA LEU B 346 15.36 6.72 30.64
C LEU B 346 16.40 7.76 30.25
N ASP B 347 16.85 8.55 31.23
CA ASP B 347 17.90 9.55 30.99
C ASP B 347 19.24 8.83 31.14
N ALA B 348 19.75 8.32 30.02
CA ALA B 348 21.00 7.56 30.06
C ALA B 348 22.20 8.45 30.38
N ARG B 349 22.13 9.73 30.04
CA ARG B 349 23.19 10.65 30.43
C ARG B 349 23.33 10.70 31.94
N ARG B 350 22.21 10.83 32.65
CA ARG B 350 22.24 10.79 34.11
C ARG B 350 22.46 9.36 34.61
N PHE B 351 21.83 8.38 33.96
CA PHE B 351 21.97 6.98 34.37
C PHE B 351 23.43 6.55 34.35
N CYS B 352 24.17 6.93 33.32
CA CYS B 352 25.57 6.55 33.16
C CYS B 352 26.43 7.80 33.22
N GLU B 353 26.44 8.45 34.39
CA GLU B 353 27.26 9.65 34.57
C GLU B 353 28.74 9.36 34.36
N HIS B 354 29.17 8.13 34.62
CA HIS B 354 30.57 7.75 34.49
C HIS B 354 31.02 7.61 33.04
N LEU B 355 30.10 7.71 32.08
CA LEU B 355 30.41 7.58 30.67
C LEU B 355 30.15 8.89 29.93
N THR B 356 31.02 9.19 28.98
CA THR B 356 30.77 10.33 28.10
C THR B 356 29.83 9.93 26.97
N GLN B 357 29.26 10.93 26.32
CA GLN B 357 28.32 10.64 25.24
C GLN B 357 29.02 9.99 24.05
N ASP B 358 30.32 10.24 23.88
CA ASP B 358 31.08 9.57 22.83
C ASP B 358 31.24 8.08 23.08
N GLU B 359 30.99 7.62 24.30
CA GLU B 359 31.04 6.20 24.64
C GLU B 359 29.67 5.53 24.53
N PHE B 360 28.64 6.27 24.11
CA PHE B 360 27.31 5.76 23.80
C PHE B 360 26.66 5.14 25.03
N PRO B 361 26.31 5.94 26.04
CA PRO B 361 25.68 5.34 27.24
C PRO B 361 24.29 4.81 26.99
N ALA B 362 23.50 5.46 26.13
CA ALA B 362 22.15 4.97 25.85
C ALA B 362 22.19 3.64 25.12
N GLN B 363 23.07 3.51 24.13
CA GLN B 363 23.20 2.24 23.42
C GLN B 363 23.67 1.13 24.35
N SER B 364 24.61 1.45 25.25
CA SER B 364 25.11 0.44 26.17
C SER B 364 24.07 0.06 27.22
N LEU B 365 23.33 1.05 27.72
CA LEU B 365 22.30 0.76 28.72
C LEU B 365 21.21 -0.14 28.14
N ALA B 366 20.82 0.12 26.88
CA ALA B 366 19.83 -0.75 26.24
C ALA B 366 20.36 -2.17 26.09
N ALA B 367 21.62 -2.31 25.69
CA ALA B 367 22.23 -3.63 25.60
C ALA B 367 22.24 -4.33 26.96
N SER B 368 22.53 -3.58 28.02
CA SER B 368 22.51 -4.16 29.36
C SER B 368 21.10 -4.54 29.78
N ILE B 369 20.11 -3.72 29.45
CA ILE B 369 18.73 -4.01 29.86
C ILE B 369 18.25 -5.32 29.25
N TYR B 370 18.59 -5.57 27.98
CA TYR B 370 18.17 -6.84 27.37
C TYR B 370 18.86 -8.03 28.04
N VAL B 371 20.17 -7.92 28.26
CA VAL B 371 20.91 -9.04 28.86
C VAL B 371 20.35 -9.40 30.23
N GLU B 372 19.94 -8.38 31.01
CA GLU B 372 19.50 -8.65 32.36
C GLU B 372 18.03 -9.06 32.45
N THR B 373 17.20 -8.69 31.47
CA THR B 373 15.76 -8.95 31.55
C THR B 373 15.17 -9.64 30.33
N GLY B 374 15.81 -9.59 29.17
CA GLY B 374 15.13 -9.99 27.96
C GLY B 374 14.21 -8.94 27.39
N VAL B 375 14.40 -7.68 27.76
CA VAL B 375 13.59 -6.57 27.29
C VAL B 375 14.38 -5.80 26.24
N ARG B 376 13.82 -5.67 25.05
CA ARG B 376 14.42 -4.82 24.02
C ARG B 376 13.88 -3.41 24.16
N SER B 377 14.78 -2.44 24.20
CA SER B 377 14.44 -1.03 24.17
C SER B 377 15.20 -0.39 23.02
N MET B 378 14.85 0.86 22.73
CA MET B 378 15.44 1.58 21.60
C MET B 378 16.37 2.68 22.08
N GLU B 379 17.55 2.73 21.50
CA GLU B 379 18.43 3.87 21.70
C GLU B 379 17.82 5.10 21.03
N ARG B 380 17.69 6.18 21.79
CA ARG B 380 17.29 7.48 21.24
C ARG B 380 18.26 8.55 21.77
N GLY B 381 19.52 8.40 21.39
CA GLY B 381 20.55 9.34 21.78
C GLY B 381 21.51 9.65 20.66
N ILE B 382 22.80 9.62 20.95
CA ILE B 382 23.82 10.05 19.98
C ILE B 382 23.86 9.11 18.77
N ILE B 383 23.61 7.81 18.97
CA ILE B 383 23.68 6.87 17.85
C ILE B 383 22.58 7.16 16.84
N SER B 384 21.33 7.27 17.30
CA SER B 384 20.22 7.60 16.42
C SER B 384 20.37 8.99 15.81
N ALA B 385 21.10 9.90 16.46
CA ALA B 385 21.23 11.26 15.95
C ALA B 385 22.05 11.32 14.67
N GLY B 386 22.89 10.32 14.41
CA GLY B 386 23.66 10.28 13.20
C GLY B 386 24.89 11.17 13.22
N ARG B 387 25.49 11.32 12.05
CA ARG B 387 26.67 12.14 11.85
C ARG B 387 26.33 13.34 10.96
N ASN B 388 27.08 14.43 11.16
CA ASN B 388 27.06 15.54 10.23
C ASN B 388 27.83 15.13 8.98
N ASN B 389 27.11 14.94 7.87
CA ASN B 389 27.72 14.39 6.67
C ASN B 389 28.72 15.34 6.01
N VAL B 390 28.82 16.58 6.47
CA VAL B 390 29.78 17.53 5.91
C VAL B 390 31.02 17.63 6.77
N THR B 391 30.87 17.59 8.09
CA THR B 391 32.01 17.68 9.00
C THR B 391 32.48 16.34 9.52
N GLY B 392 31.62 15.32 9.49
CA GLY B 392 31.97 13.98 9.94
C GLY B 392 31.77 13.73 11.42
N GLU B 393 31.49 14.76 12.21
CA GLU B 393 31.34 14.58 13.64
C GLU B 393 29.93 14.09 13.97
N HIS B 394 29.77 13.62 15.21
CA HIS B 394 28.46 13.18 15.67
C HIS B 394 27.49 14.35 15.72
N HIS B 395 26.21 14.03 15.54
CA HIS B 395 25.14 14.91 15.99
C HIS B 395 24.93 14.66 17.47
N ARG B 396 25.11 15.69 18.29
CA ARG B 396 25.08 15.53 19.74
C ARG B 396 23.79 16.08 20.31
N PRO B 397 22.79 15.24 20.57
CA PRO B 397 21.53 15.75 21.11
C PRO B 397 21.62 15.99 22.61
N LYS B 398 20.81 16.94 23.07
CA LYS B 398 20.72 17.17 24.51
C LYS B 398 20.08 16.00 25.24
N LEU B 399 19.32 15.16 24.53
CA LEU B 399 18.64 14.03 25.12
C LEU B 399 19.39 12.75 24.76
N GLU B 400 20.04 12.14 25.75
CA GLU B 400 20.65 10.83 25.62
C GLU B 400 19.76 9.85 26.38
N THR B 401 18.83 9.22 25.66
CA THR B 401 17.77 8.46 26.30
C THR B 401 17.67 7.05 25.74
N VAL B 402 17.03 6.20 26.53
CA VAL B 402 16.62 4.86 26.14
C VAL B 402 15.09 4.82 26.23
N ARG B 403 14.43 4.41 25.15
CA ARG B 403 12.98 4.49 25.05
C ARG B 403 12.34 3.14 25.33
N LEU B 404 11.47 3.09 26.32
CA LEU B 404 10.68 1.91 26.65
C LEU B 404 9.27 2.14 26.10
N THR B 405 9.05 1.71 24.85
CA THR B 405 7.81 1.99 24.15
C THR B 405 6.85 0.81 24.32
N ILE B 406 5.62 1.11 24.74
CA ILE B 406 4.68 0.09 25.21
C ILE B 406 3.64 -0.15 24.11
N PRO B 407 3.64 -1.32 23.46
CA PRO B 407 2.55 -1.64 22.56
C PRO B 407 1.24 -1.73 23.33
N ARG B 408 0.14 -1.52 22.62
CA ARG B 408 -1.18 -1.47 23.25
C ARG B 408 -1.75 -2.87 23.42
N ARG B 409 -2.12 -3.20 24.66
CA ARG B 409 -2.86 -4.43 24.99
C ARG B 409 -2.01 -5.69 24.80
N VAL B 410 -0.69 -5.56 24.86
CA VAL B 410 0.20 -6.70 24.66
C VAL B 410 0.78 -7.21 25.97
N TYR B 411 1.07 -6.33 26.92
CA TYR B 411 1.76 -6.70 28.13
C TYR B 411 0.91 -6.37 29.36
N THR B 412 1.35 -6.87 30.50
CA THR B 412 0.68 -6.71 31.78
C THR B 412 1.55 -5.89 32.73
N TYR B 413 0.99 -5.57 33.90
CA TYR B 413 1.79 -4.94 34.95
C TYR B 413 2.94 -5.83 35.39
N ALA B 414 2.73 -7.16 35.37
CA ALA B 414 3.82 -8.08 35.69
C ALA B 414 4.98 -7.92 34.72
N HIS B 415 4.68 -7.68 33.43
CA HIS B 415 5.75 -7.42 32.47
C HIS B 415 6.41 -6.08 32.74
N MET B 416 5.62 -5.07 33.12
CA MET B 416 6.20 -3.80 33.52
C MET B 416 7.12 -3.96 34.72
N ASP B 417 6.80 -4.89 35.63
CA ASP B 417 7.67 -5.16 36.77
C ASP B 417 8.99 -5.76 36.32
N VAL B 418 8.96 -6.65 35.32
CA VAL B 418 10.19 -7.23 34.79
C VAL B 418 11.09 -6.13 34.26
N VAL B 419 10.52 -5.19 33.50
CA VAL B 419 11.29 -4.06 33.00
C VAL B 419 11.83 -3.22 34.15
N ALA B 420 10.97 -2.91 35.11
CA ALA B 420 11.34 -2.00 36.19
C ALA B 420 12.38 -2.63 37.11
N ASP B 421 12.11 -3.85 37.61
CA ASP B 421 13.03 -4.49 38.55
C ASP B 421 14.42 -4.67 37.96
N GLY B 422 14.49 -5.04 36.67
CA GLY B 422 15.79 -5.22 36.04
C GLY B 422 16.54 -3.91 35.86
N ILE B 423 15.82 -2.85 35.48
CA ILE B 423 16.45 -1.53 35.34
C ILE B 423 16.84 -0.99 36.71
N ILE B 424 15.98 -1.15 37.71
CA ILE B 424 16.28 -0.67 39.06
C ILE B 424 17.50 -1.41 39.61
N LYS B 425 17.60 -2.71 39.35
CA LYS B 425 18.76 -3.47 39.81
C LYS B 425 20.03 -3.02 39.07
N LEU B 426 19.91 -2.76 37.77
CA LEU B 426 21.05 -2.20 37.02
C LEU B 426 21.45 -0.84 37.58
N TYR B 427 20.46 -0.02 37.95
CA TYR B 427 20.76 1.31 38.47
C TYR B 427 21.49 1.24 39.81
N GLN B 428 21.22 0.20 40.61
CA GLN B 428 21.87 0.06 41.91
C GLN B 428 23.36 -0.26 41.79
N HIS B 429 23.83 -0.70 40.62
CA HIS B 429 25.26 -0.83 40.36
C HIS B 429 25.58 -0.25 38.99
N LYS B 430 25.01 0.92 38.69
CA LYS B 430 25.13 1.51 37.37
C LYS B 430 26.58 1.79 36.97
N GLU B 431 27.48 1.91 37.93
CA GLU B 431 28.88 2.19 37.63
C GLU B 431 29.55 1.04 36.88
N ASP B 432 28.94 -0.14 36.87
CA ASP B 432 29.51 -1.29 36.18
C ASP B 432 29.20 -1.30 34.69
N ILE B 433 28.30 -0.45 34.22
CA ILE B 433 27.96 -0.43 32.80
C ILE B 433 29.13 0.15 32.00
N ARG B 434 29.55 -0.58 30.98
CA ARG B 434 30.73 -0.21 30.20
C ARG B 434 30.33 0.59 28.97
N GLY B 435 31.26 1.42 28.49
CA GLY B 435 31.02 2.17 27.28
C GLY B 435 31.24 1.32 26.04
N LEU B 436 30.63 1.77 24.94
CA LEU B 436 30.72 1.07 23.67
C LEU B 436 31.53 1.88 22.66
N LYS B 437 32.18 1.16 21.75
CA LYS B 437 32.90 1.77 20.64
C LYS B 437 32.43 1.14 19.34
N PHE B 438 32.51 1.91 18.26
CA PHE B 438 32.08 1.43 16.96
C PHE B 438 32.99 0.31 16.47
N ILE B 439 32.38 -0.80 16.06
CA ILE B 439 33.08 -1.86 15.35
C ILE B 439 32.67 -1.89 13.87
N TYR B 440 31.39 -1.61 13.60
CA TYR B 440 30.91 -1.40 12.23
C TYR B 440 30.00 -0.19 12.24
N GLU B 441 30.19 0.71 11.27
CA GLU B 441 29.33 1.88 11.19
C GLU B 441 28.95 2.16 9.74
N PRO B 442 27.68 2.00 9.39
CA PRO B 442 27.26 2.22 8.00
C PRO B 442 27.24 3.70 7.64
N LYS B 443 27.00 3.95 6.35
CA LYS B 443 27.00 5.32 5.84
C LYS B 443 25.84 6.13 6.43
N GLN B 444 24.62 5.63 6.28
CA GLN B 444 23.43 6.31 6.75
C GLN B 444 22.61 5.39 7.64
N LEU B 445 21.75 5.99 8.44
CA LEU B 445 20.87 5.27 9.38
C LEU B 445 21.67 4.24 10.19
N ARG B 446 22.66 4.74 10.91
CA ARG B 446 23.58 3.85 11.62
C ARG B 446 22.92 3.14 12.79
N ALA B 447 21.79 3.66 13.29
CA ALA B 447 21.17 3.01 14.45
C ALA B 447 20.69 1.60 14.12
N PHE B 448 20.38 1.32 12.85
CA PHE B 448 19.74 0.06 12.50
C PHE B 448 20.75 -1.08 12.36
N THR B 449 21.97 -0.79 11.91
CA THR B 449 22.90 -1.86 11.56
C THR B 449 24.30 -1.72 12.15
N ALA B 450 24.57 -0.67 12.93
CA ALA B 450 25.90 -0.52 13.51
C ALA B 450 26.16 -1.63 14.53
N ARG B 451 27.45 -1.93 14.70
CA ARG B 451 27.88 -2.94 15.66
C ARG B 451 28.94 -2.35 16.57
N PHE B 452 28.95 -2.80 17.81
CA PHE B 452 29.78 -2.22 18.86
C PHE B 452 30.50 -3.31 19.62
N ASP B 453 31.46 -2.89 20.45
CA ASP B 453 32.09 -3.76 21.42
C ASP B 453 32.47 -2.93 22.63
N TYR B 454 32.55 -3.57 23.79
CA TYR B 454 32.88 -2.86 25.02
C TYR B 454 34.28 -2.27 24.93
N ILE B 455 34.45 -1.11 25.56
CA ILE B 455 35.72 -0.40 25.55
C ILE B 455 36.69 -1.04 26.54
K K C . -6.85 -6.83 -1.83
K K D . 3.60 -4.79 12.50
N PM9 E . -1.39 -4.25 -11.83
C PM9 E . -3.63 -4.53 -12.54
O2 PM9 E . -3.18 -5.12 -13.58
CB PM9 E . -3.02 -2.84 -10.59
CG PM9 E . -3.05 -1.37 -11.09
SD PM9 E . -3.99 -1.13 -12.57
CE PM9 E . -5.69 -1.01 -12.05
O1 PM9 E . -4.84 -4.48 -12.28
C2 PM9 E . 2.70 -4.74 -13.54
C2A PM9 E . 3.01 -5.54 -14.78
C3 PM9 E . 1.32 -4.73 -13.02
C4 PM9 E . 1.05 -3.93 -11.79
C4A PM9 E . -0.31 -3.83 -11.16
C5 PM9 E . 2.18 -3.22 -11.19
C5A PM9 E . 1.96 -2.39 -9.94
C6 PM9 E . 3.44 -3.30 -11.77
N1 PM9 E . 3.66 -4.03 -12.89
O1P PM9 E . -0.61 -2.72 -8.04
O3P PM9 E . 1.03 -4.05 -6.62
O3 PM9 E . 0.34 -5.41 -13.64
O2P PM9 E . 1.39 -1.59 -7.10
O4P PM9 E . 1.74 -3.32 -8.85
CA PM9 E . -2.66 -3.88 -11.66
P PM9 E . 0.83 -2.90 -7.59
C1 PGE F . 4.59 -30.46 -19.74
O1 PGE F . 5.79 -30.28 -20.48
C2 PGE F . 4.49 -31.92 -19.31
O2 PGE F . 5.04 -32.07 -18.02
C3 PGE F . 4.21 -32.83 -17.15
C4 PGE F . 5.02 -33.25 -15.93
O4 PGE F . 7.61 -30.92 -12.75
C6 PGE F . 6.31 -31.02 -13.31
C5 PGE F . 6.23 -32.26 -14.16
O3 PGE F . 5.14 -32.14 -15.06
O22 P33 G . -26.57 -21.86 -15.97
C21 P33 G . -25.53 -22.74 -16.29
C20 P33 G . -24.19 -22.09 -15.95
O19 P33 G . -23.35 -23.02 -15.34
C18 P33 G . -22.99 -24.11 -16.15
C17 P33 G . -22.31 -25.17 -15.29
O16 P33 G . -22.52 -26.43 -15.84
C15 P33 G . -21.62 -27.40 -15.38
C14 P33 G . -21.55 -28.54 -16.39
O13 P33 G . -20.20 -28.87 -16.62
C12 P33 G . -19.89 -29.00 -17.97
C11 P33 G . -18.38 -28.97 -18.16
O10 P33 G . -17.97 -27.69 -18.56
C9 P33 G . -16.73 -27.28 -18.05
C8 P33 G . -15.65 -28.27 -18.48
O7 P33 G . -14.39 -27.76 -18.11
C6 P33 G . -13.40 -28.74 -18.01
C5 P33 G . -13.42 -29.37 -16.62
O4 P33 G . -12.91 -30.67 -16.67
C3 P33 G . -12.21 -31.06 -15.51
C2 P33 G . -11.98 -32.57 -15.53
O1 P33 G . -11.26 -32.93 -16.67
#